data_4J5W
#
_entry.id   4J5W
#
_cell.length_a   70.260
_cell.length_b   109.550
_cell.length_c   169.880
_cell.angle_alpha   90.000
_cell.angle_beta   90.000
_cell.angle_gamma   90.000
#
_symmetry.space_group_name_H-M   'P 21 21 21'
#
loop_
_entity.id
_entity.type
_entity.pdbx_description
1 polymer 'Nuclear receptor subfamily 1 group I member 2, Nuclear receptor coactivator 1'
2 polymer 'Retinoic acid receptor RXR-alpha, Nuclear receptor coactivator 1'
3 non-polymer 'MAGNESIUM ION'
4 water water
#
loop_
_entity_poly.entity_id
_entity_poly.type
_entity_poly.pdbx_seq_one_letter_code
_entity_poly.pdbx_strand_id
1 'polypeptide(L)'
;SNASERTGTQPLGVQGLTEEQRMMIRELMDAQMKTFDTTFSHFKNFRLPGVLSSGCELPESLQAPSREEAAKWSQVRKDL
CSLKVSLQLRGEDGSVWNYKPPADSGGKEIFSLLPHMADMSTYMFKGIISFAKVISYFRDLPIEDQISLLKGAAFELCQL
RFNTVFNAETGTWECGRLSYCLEDTAGGFQQLLLEPMLKFHYMLKKLQLHEEEYVLMQAISLFSPDRPGVLQHRVVDQLQ
EQFAITLKSYIECNRPQPAHRFLFLKIMAMLTELRSINAQHTQRLLRIQDIHPFATPLMQELFGITGSGGSGGSSHSSLT
ERHKILHRLLQEGSPS
;
A,B
2 'polypeptide(L)'
;NEDMPVERILEAELAVEPKTETYVEANMGLNPSSPNDPVTNICQAADKQLFTLVEWAKRIPHFSELPLDDQVILLRAGWN
ELLIASFSHRSIAVKDGILLATGLHVHRNSAHSAGVGAIFDRVLTELVSKMRDMQMDKTELGCLRAIVLFNPDSKGLSNP
AEVEALREKVYASLEAYCKHKYPEQPGRFAKLLLRLPALRSIGLKCLEHLFFFKLIGDTPIDTFLMEMLEAPHQMTGGSG
GSSHSSLTERHKILHRLLQEGSPS
;
C,D
#
loop_
_chem_comp.id
_chem_comp.type
_chem_comp.name
_chem_comp.formula
MG non-polymer 'MAGNESIUM ION' 'Mg 2'
#
# COMPACT_ATOMS: atom_id res chain seq x y z
N GLN A 15 20.85 13.01 -38.54
CA GLN A 15 20.36 14.27 -39.07
C GLN A 15 21.39 15.39 -38.94
N GLY A 16 21.98 15.79 -40.05
CA GLY A 16 22.91 16.90 -40.07
C GLY A 16 24.31 16.58 -39.58
N LEU A 17 24.58 15.30 -39.39
CA LEU A 17 25.88 14.85 -38.92
C LEU A 17 26.63 14.12 -40.03
N THR A 18 27.92 13.87 -39.79
CA THR A 18 28.71 13.08 -40.73
C THR A 18 28.22 11.64 -40.67
N GLU A 19 28.71 10.80 -41.57
CA GLU A 19 28.27 9.42 -41.61
C GLU A 19 28.77 8.61 -40.42
N GLU A 20 29.98 8.90 -39.98
CA GLU A 20 30.57 8.21 -38.84
C GLU A 20 29.83 8.54 -37.54
N GLN A 21 29.42 9.80 -37.40
CA GLN A 21 28.70 10.24 -36.21
C GLN A 21 27.35 9.55 -36.12
N ARG A 22 26.60 9.60 -37.23
CA ARG A 22 25.31 8.91 -37.31
C ARG A 22 25.48 7.40 -37.17
N MET A 23 26.65 6.89 -37.54
CA MET A 23 26.96 5.48 -37.36
C MET A 23 27.08 5.19 -35.88
N MET A 24 27.78 6.06 -35.17
CA MET A 24 27.92 5.94 -33.72
C MET A 24 26.57 5.98 -33.04
N ILE A 25 25.74 6.94 -33.43
CA ILE A 25 24.42 7.09 -32.82
C ILE A 25 23.56 5.85 -33.09
N ARG A 26 23.52 5.41 -34.34
CA ARG A 26 22.77 4.22 -34.71
C ARG A 26 23.24 3.00 -33.91
N GLU A 27 24.55 2.89 -33.76
CA GLU A 27 25.16 1.79 -33.01
C GLU A 27 24.73 1.80 -31.54
N LEU A 28 24.91 2.95 -30.89
CA LEU A 28 24.55 3.13 -29.49
C LEU A 28 23.08 2.85 -29.25
N MET A 29 22.24 3.35 -30.15
CA MET A 29 20.81 3.12 -30.08
C MET A 29 20.50 1.63 -30.19
N ASP A 30 21.18 0.95 -31.12
CA ASP A 30 21.01 -0.49 -31.26
C ASP A 30 21.37 -1.23 -29.97
N ALA A 31 22.52 -0.91 -29.41
CA ALA A 31 22.99 -1.56 -28.18
C ALA A 31 22.05 -1.33 -27.00
N GLN A 32 21.64 -0.07 -26.82
CA GLN A 32 20.70 0.30 -25.77
C GLN A 32 19.41 -0.48 -25.92
N MET A 33 18.91 -0.51 -27.16
CA MET A 33 17.69 -1.22 -27.52
C MET A 33 17.79 -2.70 -27.16
N LYS A 34 18.91 -3.32 -27.50
CA LYS A 34 19.10 -4.76 -27.33
C LYS A 34 19.44 -5.17 -25.89
N THR A 35 19.90 -4.23 -25.08
CA THR A 35 20.39 -4.60 -23.75
C THR A 35 19.69 -3.92 -22.59
N PHE A 36 18.62 -3.17 -22.86
CA PHE A 36 17.92 -2.47 -21.80
C PHE A 36 16.43 -2.82 -21.76
N ASP A 37 16.08 -3.77 -20.91
CA ASP A 37 14.69 -4.12 -20.68
C ASP A 37 14.03 -3.08 -19.77
N THR A 38 13.23 -2.22 -20.38
CA THR A 38 12.59 -1.12 -19.66
C THR A 38 11.31 -1.57 -18.95
N THR A 39 10.81 -2.74 -19.33
CA THR A 39 9.61 -3.29 -18.72
C THR A 39 9.99 -4.18 -17.54
N PHE A 40 11.28 -4.48 -17.45
CA PHE A 40 11.83 -5.29 -16.37
C PHE A 40 11.12 -6.64 -16.24
N SER A 41 10.70 -7.17 -17.38
CA SER A 41 9.94 -8.41 -17.39
C SER A 41 10.79 -9.62 -17.03
N HIS A 42 12.11 -9.46 -17.10
CA HIS A 42 13.02 -10.54 -16.78
C HIS A 42 13.81 -10.31 -15.50
N PHE A 43 13.28 -9.43 -14.66
CA PHE A 43 13.80 -9.26 -13.31
C PHE A 43 13.00 -10.20 -12.41
N LYS A 44 13.49 -11.42 -12.26
CA LYS A 44 12.76 -12.46 -11.54
C LYS A 44 13.51 -12.99 -10.32
N ASN A 45 12.78 -13.66 -9.44
CA ASN A 45 13.36 -14.30 -8.26
C ASN A 45 14.25 -13.38 -7.44
N PHE A 46 13.72 -12.21 -7.10
CA PHE A 46 14.44 -11.24 -6.29
C PHE A 46 13.96 -11.29 -4.85
N ARG A 47 14.89 -11.14 -3.91
CA ARG A 47 14.55 -11.15 -2.49
C ARG A 47 13.62 -9.99 -2.15
N LEU A 48 12.56 -10.28 -1.43
CA LEU A 48 11.60 -9.28 -1.00
C LEU A 48 11.74 -9.01 0.48
N PRO A 49 11.39 -7.78 0.92
CA PRO A 49 11.45 -7.46 2.35
C PRO A 49 10.47 -8.32 3.13
N GLY A 50 10.96 -8.97 4.19
CA GLY A 50 10.17 -9.89 4.99
C GLY A 50 8.81 -9.38 5.39
N VAL A 51 7.82 -10.28 5.38
CA VAL A 51 6.45 -9.92 5.74
C VAL A 51 6.28 -9.81 7.25
N ARG A 67 32.80 0.70 20.30
CA ARG A 67 32.46 2.12 20.42
C ARG A 67 32.34 2.78 19.05
N GLU A 68 33.40 2.69 18.24
CA GLU A 68 33.41 3.21 16.88
C GLU A 68 32.25 2.60 16.11
N GLU A 69 31.87 1.40 16.52
CA GLU A 69 30.70 0.71 16.03
C GLU A 69 29.48 1.62 16.08
N ALA A 70 29.32 2.33 17.18
CA ALA A 70 28.16 3.20 17.39
C ALA A 70 28.20 4.46 16.53
N ALA A 71 29.38 5.05 16.41
CA ALA A 71 29.55 6.27 15.60
C ALA A 71 29.34 5.99 14.10
N LYS A 72 30.02 4.97 13.60
CA LYS A 72 29.86 4.55 12.21
C LYS A 72 28.43 4.10 12.00
N TRP A 73 27.82 3.55 13.04
CA TRP A 73 26.45 3.11 12.94
C TRP A 73 25.56 4.33 12.70
N SER A 74 25.83 5.41 13.45
CA SER A 74 25.19 6.70 13.22
C SER A 74 25.40 7.18 11.78
N GLN A 75 26.61 6.96 11.26
CA GLN A 75 26.92 7.32 9.87
C GLN A 75 26.01 6.61 8.88
N VAL A 76 26.02 5.27 8.90
CA VAL A 76 25.18 4.43 8.04
C VAL A 76 23.71 4.81 8.16
N ARG A 77 23.28 5.12 9.38
CA ARG A 77 21.93 5.60 9.60
C ARG A 77 21.67 6.91 8.83
N LYS A 78 22.60 7.87 8.92
CA LYS A 78 22.51 9.09 8.10
C LYS A 78 22.37 8.73 6.61
N ASP A 79 23.22 7.80 6.17
CA ASP A 79 23.20 7.33 4.77
C ASP A 79 21.82 6.82 4.34
N LEU A 80 21.15 6.05 5.20
CA LEU A 80 19.87 5.45 4.81
C LEU A 80 18.63 6.32 5.00
N CYS A 81 18.67 7.20 6.01
CA CYS A 81 17.50 8.02 6.37
C CYS A 81 16.89 8.81 5.21
N SER A 82 17.73 9.32 4.33
CA SER A 82 17.28 10.16 3.23
C SER A 82 16.89 9.35 1.99
N LEU A 83 17.31 8.10 1.95
CA LEU A 83 17.11 7.27 0.76
C LEU A 83 16.06 6.18 0.97
N LYS A 84 14.94 6.55 1.58
CA LYS A 84 13.86 5.60 1.83
C LYS A 84 12.81 5.65 0.73
N VAL A 85 12.43 4.48 0.24
CA VAL A 85 11.45 4.38 -0.83
C VAL A 85 10.37 3.33 -0.54
N SER A 86 9.14 3.64 -0.95
CA SER A 86 8.06 2.67 -0.93
C SER A 86 8.14 1.80 -2.18
N LEU A 87 7.97 0.50 -1.97
CA LEU A 87 8.12 -0.49 -3.04
C LEU A 87 6.76 -0.96 -3.54
N GLN A 88 6.32 -0.40 -4.66
CA GLN A 88 5.04 -0.78 -5.25
C GLN A 88 5.26 -1.91 -6.25
N LEU A 89 4.42 -2.93 -6.17
CA LEU A 89 4.58 -4.10 -7.01
C LEU A 89 3.22 -4.47 -7.58
N ARG A 90 3.05 -4.42 -8.90
CA ARG A 90 1.77 -4.84 -9.48
C ARG A 90 1.81 -6.29 -9.97
N GLY A 91 0.63 -6.91 -10.05
CA GLY A 91 0.53 -8.30 -10.47
C GLY A 91 -0.06 -8.41 -11.86
N GLU A 92 -0.06 -9.63 -12.37
CA GLU A 92 -0.59 -9.95 -13.69
C GLU A 92 -2.03 -9.48 -13.85
N ASP A 93 -2.81 -9.64 -12.79
CA ASP A 93 -4.25 -9.42 -12.83
C ASP A 93 -4.64 -8.01 -12.43
N GLY A 94 -3.67 -7.23 -11.96
CA GLY A 94 -3.93 -5.88 -11.54
C GLY A 94 -3.79 -5.71 -10.04
N SER A 95 -3.53 -6.82 -9.34
CA SER A 95 -3.31 -6.78 -7.91
C SER A 95 -2.02 -6.01 -7.63
N VAL A 96 -2.05 -5.13 -6.65
CA VAL A 96 -0.85 -4.38 -6.29
C VAL A 96 -0.50 -4.49 -4.81
N TRP A 97 0.62 -5.15 -4.54
CA TRP A 97 1.20 -5.20 -3.20
C TRP A 97 2.06 -3.97 -2.99
N ASN A 98 1.79 -3.23 -1.92
CA ASN A 98 2.55 -2.02 -1.65
C ASN A 98 3.32 -2.07 -0.33
N TYR A 99 4.65 -2.08 -0.44
CA TYR A 99 5.51 -2.05 0.73
C TYR A 99 5.87 -0.62 1.15
N LYS A 100 5.86 -0.38 2.47
CA LYS A 100 6.34 0.87 3.06
C LYS A 100 7.43 0.54 4.09
N PRO A 101 8.58 1.23 4.00
CA PRO A 101 9.69 1.00 4.94
C PRO A 101 9.38 1.50 6.34
N PRO A 102 9.99 0.88 7.36
CA PRO A 102 9.82 1.28 8.76
C PRO A 102 10.54 2.59 9.05
N ALA A 103 9.98 3.40 9.95
CA ALA A 103 10.68 4.57 10.44
C ALA A 103 11.90 4.11 11.22
N ASP A 104 12.93 4.93 11.25
CA ASP A 104 14.21 4.55 11.84
C ASP A 104 14.11 4.30 13.34
N SER A 105 14.60 3.14 13.78
CA SER A 105 14.62 2.81 15.21
C SER A 105 16.04 2.65 15.73
N GLY A 106 16.54 1.41 15.75
CA GLY A 106 17.84 1.17 16.33
C GLY A 106 18.60 -0.08 15.89
N GLY A 107 18.16 -0.71 14.82
CA GLY A 107 18.77 -1.94 14.37
C GLY A 107 18.56 -2.22 12.90
N LYS A 108 18.33 -3.50 12.60
CA LYS A 108 18.18 -3.97 11.22
C LYS A 108 17.00 -3.35 10.47
N GLU A 109 16.00 -2.86 11.20
CA GLU A 109 14.73 -2.41 10.63
C GLU A 109 14.83 -1.41 9.48
N ILE A 110 16.02 -0.86 9.26
CA ILE A 110 16.25 0.07 8.17
C ILE A 110 17.10 -0.58 7.07
N PHE A 111 17.51 -1.82 7.30
CA PHE A 111 18.30 -2.58 6.33
C PHE A 111 17.41 -3.63 5.65
N SER A 112 16.13 -3.32 5.54
CA SER A 112 15.12 -4.28 5.10
C SER A 112 15.06 -4.45 3.58
N LEU A 113 15.42 -3.41 2.85
CA LEU A 113 15.35 -3.43 1.39
C LEU A 113 16.68 -3.77 0.73
N LEU A 114 17.75 -3.80 1.52
CA LEU A 114 19.09 -4.03 0.99
C LEU A 114 19.29 -5.27 0.09
N PRO A 115 18.72 -6.43 0.47
CA PRO A 115 18.81 -7.58 -0.44
C PRO A 115 18.15 -7.31 -1.79
N HIS A 116 16.93 -6.77 -1.76
CA HIS A 116 16.21 -6.42 -2.96
C HIS A 116 16.98 -5.42 -3.80
N MET A 117 17.49 -4.38 -3.14
CA MET A 117 18.28 -3.36 -3.81
C MET A 117 19.50 -3.98 -4.48
N ALA A 118 20.07 -4.98 -3.82
CA ALA A 118 21.23 -5.69 -4.35
C ALA A 118 20.85 -6.45 -5.61
N ASP A 119 19.71 -7.13 -5.57
CA ASP A 119 19.25 -7.90 -6.74
C ASP A 119 18.98 -6.99 -7.93
N MET A 120 18.26 -5.89 -7.67
CA MET A 120 17.99 -4.88 -8.68
C MET A 120 19.28 -4.34 -9.29
N SER A 121 20.19 -3.93 -8.41
CA SER A 121 21.49 -3.43 -8.83
C SER A 121 22.22 -4.43 -9.71
N THR A 122 22.17 -5.70 -9.34
CA THR A 122 22.84 -6.75 -10.10
C THR A 122 22.23 -6.91 -11.49
N TYR A 123 20.90 -6.91 -11.55
CA TYR A 123 20.18 -6.99 -12.82
C TYR A 123 20.59 -5.85 -13.76
N MET A 124 20.53 -4.64 -13.21
CA MET A 124 20.92 -3.44 -13.96
C MET A 124 22.37 -3.51 -14.45
N PHE A 125 23.27 -3.92 -13.56
CA PHE A 125 24.68 -4.06 -13.89
C PHE A 125 24.88 -5.04 -15.03
N LYS A 126 24.25 -6.20 -14.93
CA LYS A 126 24.30 -7.22 -15.97
C LYS A 126 23.85 -6.64 -17.31
N GLY A 127 22.79 -5.83 -17.26
CA GLY A 127 22.34 -5.11 -18.43
C GLY A 127 23.38 -4.15 -18.99
N ILE A 128 24.09 -3.46 -18.11
CA ILE A 128 25.12 -2.52 -18.50
C ILE A 128 26.28 -3.25 -19.19
N ILE A 129 26.67 -4.38 -18.61
CA ILE A 129 27.73 -5.21 -19.19
C ILE A 129 27.34 -5.69 -20.58
N SER A 130 26.09 -6.13 -20.72
CA SER A 130 25.61 -6.52 -22.05
C SER A 130 25.69 -5.34 -23.02
N PHE A 131 25.29 -4.17 -22.54
CA PHE A 131 25.35 -2.94 -23.33
C PHE A 131 26.76 -2.65 -23.84
N ALA A 132 27.74 -2.76 -22.95
CA ALA A 132 29.13 -2.53 -23.30
C ALA A 132 29.62 -3.57 -24.30
N LYS A 133 29.19 -4.82 -24.11
CA LYS A 133 29.58 -5.89 -25.03
C LYS A 133 29.08 -5.68 -26.45
N VAL A 134 27.82 -5.27 -26.59
CA VAL A 134 27.23 -5.10 -27.92
C VAL A 134 27.96 -4.05 -28.78
N ILE A 135 28.44 -2.98 -28.14
CA ILE A 135 29.19 -1.94 -28.84
C ILE A 135 30.51 -2.48 -29.40
N SER A 136 30.80 -2.13 -30.66
CA SER A 136 31.99 -2.63 -31.36
C SER A 136 33.31 -2.09 -30.79
N TYR A 137 33.34 -0.80 -30.52
CA TYR A 137 34.55 -0.13 -30.02
C TYR A 137 34.98 -0.74 -28.69
N PHE A 138 34.02 -0.89 -27.78
CA PHE A 138 34.29 -1.51 -26.48
C PHE A 138 34.76 -2.95 -26.67
N ARG A 139 34.19 -3.61 -27.68
CA ARG A 139 34.49 -5.00 -27.93
C ARG A 139 35.89 -5.20 -28.52
N ASP A 140 36.43 -4.16 -29.17
CA ASP A 140 37.77 -4.24 -29.76
C ASP A 140 38.88 -3.96 -28.75
N LEU A 141 38.51 -3.51 -27.56
CA LEU A 141 39.47 -3.18 -26.52
C LEU A 141 39.94 -4.44 -25.79
N PRO A 142 41.16 -4.40 -25.22
CA PRO A 142 41.67 -5.50 -24.39
C PRO A 142 40.71 -5.80 -23.24
N ILE A 143 40.66 -7.06 -22.81
CA ILE A 143 39.73 -7.47 -21.77
C ILE A 143 39.96 -6.73 -20.46
N GLU A 144 41.23 -6.40 -20.19
CA GLU A 144 41.58 -5.68 -18.97
C GLU A 144 40.97 -4.27 -18.98
N ASP A 145 41.07 -3.60 -20.12
CA ASP A 145 40.49 -2.27 -20.26
C ASP A 145 38.97 -2.33 -20.20
N GLN A 146 38.39 -3.40 -20.70
CA GLN A 146 36.96 -3.60 -20.61
C GLN A 146 36.54 -3.68 -19.15
N ILE A 147 37.28 -4.50 -18.40
CA ILE A 147 37.07 -4.64 -16.96
C ILE A 147 37.17 -3.29 -16.26
N SER A 148 38.24 -2.56 -16.51
CA SER A 148 38.47 -1.28 -15.86
C SER A 148 37.37 -0.25 -16.15
N LEU A 149 37.07 -0.10 -17.44
CA LEU A 149 36.03 0.83 -17.88
C LEU A 149 34.66 0.49 -17.27
N LEU A 150 34.30 -0.79 -17.32
CA LEU A 150 33.03 -1.23 -16.73
C LEU A 150 32.98 -0.99 -15.23
N LYS A 151 34.11 -1.25 -14.55
CA LYS A 151 34.23 -1.00 -13.13
C LYS A 151 33.97 0.46 -12.82
N GLY A 152 34.58 1.33 -13.62
CA GLY A 152 34.46 2.76 -13.38
C GLY A 152 33.15 3.39 -13.79
N ALA A 153 32.43 2.76 -14.70
CA ALA A 153 31.22 3.38 -15.26
C ALA A 153 29.91 2.65 -14.94
N ALA A 154 29.99 1.51 -14.25
CA ALA A 154 28.81 0.70 -13.95
C ALA A 154 27.70 1.49 -13.27
N PHE A 155 27.98 1.97 -12.07
CA PHE A 155 27.02 2.74 -11.28
C PHE A 155 26.49 3.97 -12.02
N GLU A 156 27.37 4.62 -12.79
CA GLU A 156 27.01 5.82 -13.54
C GLU A 156 25.97 5.51 -14.62
N LEU A 157 26.29 4.53 -15.45
CA LEU A 157 25.40 4.11 -16.53
C LEU A 157 24.08 3.64 -15.96
N CYS A 158 24.15 2.84 -14.89
CA CYS A 158 22.97 2.37 -14.17
C CYS A 158 22.08 3.54 -13.76
N GLN A 159 22.69 4.54 -13.12
CA GLN A 159 21.96 5.74 -12.72
C GLN A 159 21.30 6.46 -13.89
N LEU A 160 22.02 6.57 -15.00
CA LEU A 160 21.46 7.20 -16.20
C LEU A 160 20.21 6.46 -16.68
N ARG A 161 20.34 5.14 -16.82
CA ARG A 161 19.21 4.31 -17.22
C ARG A 161 18.03 4.45 -16.26
N PHE A 162 18.32 4.58 -14.97
CA PHE A 162 17.25 4.78 -14.01
C PHE A 162 16.57 6.13 -14.22
N ASN A 163 17.36 7.15 -14.54
CA ASN A 163 16.79 8.43 -14.89
C ASN A 163 15.89 8.32 -16.12
N THR A 164 16.18 7.36 -16.98
CA THR A 164 15.31 7.14 -18.14
C THR A 164 13.88 6.70 -17.77
N VAL A 165 13.72 5.99 -16.66
CA VAL A 165 12.38 5.55 -16.25
C VAL A 165 11.91 6.29 -15.01
N PHE A 166 12.61 7.37 -14.66
CA PHE A 166 12.28 8.15 -13.48
C PHE A 166 11.16 9.15 -13.77
N ASN A 167 10.18 9.19 -12.88
CA ASN A 167 9.06 10.12 -13.01
C ASN A 167 9.21 11.28 -12.03
N ALA A 168 9.65 12.42 -12.54
CA ALA A 168 9.90 13.59 -11.70
C ALA A 168 8.61 14.16 -11.11
N GLU A 169 7.50 13.92 -11.78
CA GLU A 169 6.21 14.45 -11.36
C GLU A 169 5.77 13.86 -10.02
N THR A 170 5.79 12.53 -9.93
CA THR A 170 5.33 11.85 -8.72
C THR A 170 6.48 11.31 -7.88
N GLY A 171 7.71 11.62 -8.30
CA GLY A 171 8.89 11.18 -7.58
C GLY A 171 8.99 9.67 -7.46
N THR A 172 8.86 8.98 -8.60
CA THR A 172 8.87 7.53 -8.60
C THR A 172 9.69 6.96 -9.76
N TRP A 173 10.35 5.82 -9.52
CA TRP A 173 10.99 5.07 -10.59
C TRP A 173 10.07 3.96 -11.07
N GLU A 174 9.47 4.20 -12.24
CA GLU A 174 8.48 3.27 -12.79
C GLU A 174 9.15 2.16 -13.60
N CYS A 175 9.55 1.10 -12.90
CA CYS A 175 10.24 -0.03 -13.53
C CYS A 175 9.26 -1.12 -13.92
N GLY A 176 8.42 -0.83 -14.91
CA GLY A 176 7.43 -1.77 -15.40
C GLY A 176 6.46 -2.17 -14.30
N ARG A 177 6.58 -3.41 -13.84
CA ARG A 177 5.72 -3.87 -12.75
CA ARG A 177 5.75 -3.90 -12.74
C ARG A 177 6.09 -3.22 -11.43
N LEU A 178 7.39 -2.99 -11.22
CA LEU A 178 7.84 -2.37 -9.98
C LEU A 178 7.76 -0.86 -10.05
N SER A 179 7.72 -0.22 -8.90
CA SER A 179 7.75 1.23 -8.81
C SER A 179 8.38 1.62 -7.50
N TYR A 180 9.35 2.53 -7.54
CA TYR A 180 9.99 2.97 -6.32
C TYR A 180 9.64 4.42 -6.04
N CYS A 181 8.72 4.63 -5.11
CA CYS A 181 8.28 5.99 -4.84
C CYS A 181 9.04 6.57 -3.66
N LEU A 182 9.43 7.83 -3.76
CA LEU A 182 10.15 8.46 -2.66
C LEU A 182 9.20 8.81 -1.51
N GLU A 183 9.68 8.63 -0.29
CA GLU A 183 8.87 8.91 0.90
C GLU A 183 8.95 10.37 1.33
N ASP A 184 7.82 10.93 1.69
CA ASP A 184 7.72 12.33 2.13
C ASP A 184 8.53 12.59 3.41
N THR A 185 8.55 13.86 3.80
CA THR A 185 9.10 14.26 5.09
C THR A 185 8.24 15.40 5.63
N ALA A 186 7.66 16.16 4.70
CA ALA A 186 6.72 17.23 5.05
C ALA A 186 5.79 17.53 3.89
N PHE A 189 10.38 17.66 0.32
CA PHE A 189 10.97 17.66 -1.02
C PHE A 189 12.22 18.54 -1.07
N GLN A 190 12.07 19.79 -0.67
CA GLN A 190 13.17 20.75 -0.69
C GLN A 190 14.33 20.29 0.19
N GLN A 191 14.05 19.37 1.11
CA GLN A 191 15.07 18.88 2.04
C GLN A 191 15.62 17.50 1.66
N LEU A 192 15.01 16.85 0.67
CA LEU A 192 15.58 15.61 0.14
C LEU A 192 16.43 15.87 -1.09
N LEU A 193 16.54 17.14 -1.46
CA LEU A 193 17.44 17.57 -2.52
C LEU A 193 18.78 17.94 -1.90
N LEU A 194 18.93 17.64 -0.62
CA LEU A 194 20.21 17.76 0.07
C LEU A 194 20.93 16.41 -0.01
N GLU A 195 20.35 15.50 -0.78
CA GLU A 195 21.04 14.28 -1.16
C GLU A 195 21.37 14.38 -2.64
N PRO A 196 22.67 14.42 -2.97
CA PRO A 196 23.16 14.68 -4.32
C PRO A 196 22.61 13.73 -5.38
N MET A 197 22.23 12.51 -4.98
CA MET A 197 21.71 11.53 -5.93
C MET A 197 20.30 11.87 -6.42
N LEU A 198 19.41 12.15 -5.48
CA LEU A 198 18.03 12.53 -5.81
C LEU A 198 18.02 13.82 -6.61
N LYS A 199 18.80 14.79 -6.16
CA LYS A 199 18.95 16.06 -6.86
C LYS A 199 19.48 15.81 -8.26
N PHE A 200 20.38 14.84 -8.39
CA PHE A 200 20.92 14.49 -9.69
C PHE A 200 19.84 13.92 -10.61
N HIS A 201 18.97 13.10 -10.06
CA HIS A 201 17.91 12.49 -10.87
C HIS A 201 16.87 13.52 -11.30
N TYR A 202 16.50 14.40 -10.38
CA TYR A 202 15.56 15.47 -10.71
C TYR A 202 16.14 16.41 -11.76
N MET A 203 17.37 16.86 -11.52
CA MET A 203 18.04 17.79 -12.42
C MET A 203 18.39 17.19 -13.78
N LEU A 204 18.55 15.87 -13.84
CA LEU A 204 18.83 15.24 -15.12
C LEU A 204 17.53 15.03 -15.85
N LYS A 205 16.47 14.72 -15.11
CA LYS A 205 15.16 14.52 -15.72
C LYS A 205 14.53 15.83 -16.21
N LYS A 206 14.93 16.95 -15.61
CA LYS A 206 14.41 18.25 -16.04
C LYS A 206 14.91 18.62 -17.45
N LEU A 207 16.04 18.04 -17.83
CA LEU A 207 16.69 18.37 -19.10
C LEU A 207 15.93 17.87 -20.32
N GLN A 208 14.97 16.97 -20.11
CA GLN A 208 14.16 16.41 -21.19
C GLN A 208 15.01 15.86 -22.34
N LEU A 209 15.83 14.86 -22.06
CA LEU A 209 16.77 14.34 -23.05
C LEU A 209 16.13 13.32 -23.99
N HIS A 210 16.65 13.27 -25.22
CA HIS A 210 16.25 12.23 -26.16
C HIS A 210 17.00 10.95 -25.81
N GLU A 211 16.60 9.84 -26.42
CA GLU A 211 17.27 8.57 -26.17
C GLU A 211 18.72 8.65 -26.63
N GLU A 212 18.93 9.29 -27.78
CA GLU A 212 20.26 9.45 -28.36
C GLU A 212 21.20 10.16 -27.40
N GLU A 213 20.68 11.20 -26.74
CA GLU A 213 21.48 11.97 -25.80
C GLU A 213 21.83 11.14 -24.56
N TYR A 214 20.87 10.39 -24.05
CA TYR A 214 21.10 9.50 -22.91
C TYR A 214 22.19 8.49 -23.23
N VAL A 215 22.04 7.80 -24.35
CA VAL A 215 22.98 6.76 -24.73
C VAL A 215 24.35 7.36 -25.09
N LEU A 216 24.35 8.62 -25.50
CA LEU A 216 25.61 9.32 -25.77
C LEU A 216 26.33 9.65 -24.46
N MET A 217 25.57 10.04 -23.45
CA MET A 217 26.13 10.25 -22.12
C MET A 217 26.72 8.94 -21.60
N GLN A 218 25.95 7.87 -21.76
CA GLN A 218 26.42 6.55 -21.38
C GLN A 218 27.73 6.21 -22.08
N ALA A 219 27.81 6.54 -23.37
CA ALA A 219 29.03 6.30 -24.15
C ALA A 219 30.21 7.12 -23.65
N ILE A 220 29.96 8.38 -23.27
CA ILE A 220 31.02 9.24 -22.77
C ILE A 220 31.57 8.74 -21.44
N SER A 221 30.67 8.47 -20.49
CA SER A 221 31.10 7.98 -19.18
C SER A 221 31.74 6.60 -19.25
N LEU A 222 31.26 5.76 -20.17
CA LEU A 222 31.81 4.42 -20.33
C LEU A 222 33.26 4.49 -20.81
N PHE A 223 33.47 5.11 -21.96
CA PHE A 223 34.81 5.30 -22.49
C PHE A 223 35.50 6.47 -21.81
N SER A 224 36.03 6.22 -20.62
CA SER A 224 36.69 7.26 -19.84
C SER A 224 38.14 6.87 -19.56
N PRO A 225 39.09 7.63 -20.12
CA PRO A 225 40.54 7.38 -20.02
C PRO A 225 41.09 7.53 -18.60
N ASP A 226 40.41 8.32 -17.77
CA ASP A 226 40.92 8.60 -16.42
C ASP A 226 40.74 7.42 -15.48
N ARG A 227 40.02 6.40 -15.94
CA ARG A 227 39.74 5.22 -15.13
C ARG A 227 41.01 4.44 -14.81
N PRO A 228 41.22 4.14 -13.51
CA PRO A 228 42.40 3.57 -12.87
C PRO A 228 43.24 2.61 -13.70
N GLY A 229 42.68 1.49 -14.15
CA GLY A 229 43.49 0.47 -14.81
C GLY A 229 43.35 0.36 -16.31
N VAL A 230 43.31 1.48 -17.01
CA VAL A 230 43.21 1.44 -18.47
C VAL A 230 44.58 1.50 -19.15
N LEU A 231 44.74 0.69 -20.19
CA LEU A 231 46.02 0.60 -20.88
C LEU A 231 45.96 1.33 -22.21
N GLN A 232 44.94 1.03 -23.00
CA GLN A 232 44.72 1.71 -24.27
C GLN A 232 44.12 3.10 -24.02
N HIS A 233 44.84 3.92 -23.26
CA HIS A 233 44.40 5.26 -22.92
C HIS A 233 44.15 6.10 -24.17
N ARG A 234 45.01 5.91 -25.17
CA ARG A 234 44.92 6.61 -26.45
C ARG A 234 43.56 6.39 -27.11
N VAL A 235 43.23 5.12 -27.34
CA VAL A 235 42.03 4.75 -28.06
C VAL A 235 40.78 5.22 -27.32
N VAL A 236 40.78 4.98 -26.01
CA VAL A 236 39.66 5.39 -25.16
C VAL A 236 39.47 6.89 -25.23
N ASP A 237 40.57 7.63 -25.20
CA ASP A 237 40.53 9.09 -25.29
C ASP A 237 39.95 9.55 -26.62
N GLN A 238 40.47 9.02 -27.72
CA GLN A 238 39.99 9.34 -29.06
C GLN A 238 38.49 9.09 -29.17
N LEU A 239 38.07 7.92 -28.69
CA LEU A 239 36.67 7.52 -28.72
C LEU A 239 35.80 8.47 -27.90
N GLN A 240 36.26 8.81 -26.70
CA GLN A 240 35.49 9.69 -25.82
C GLN A 240 35.32 11.05 -26.44
N GLU A 241 36.39 11.59 -26.99
CA GLU A 241 36.34 12.89 -27.66
C GLU A 241 35.38 12.83 -28.86
N GLN A 242 35.44 11.74 -29.61
CA GLN A 242 34.54 11.57 -30.74
C GLN A 242 33.07 11.54 -30.32
N PHE A 243 32.79 10.86 -29.21
CA PHE A 243 31.42 10.78 -28.71
C PHE A 243 30.95 12.12 -28.18
N ALA A 244 31.87 12.86 -27.54
CA ALA A 244 31.55 14.17 -27.00
C ALA A 244 31.22 15.16 -28.12
N ILE A 245 32.03 15.11 -29.18
CA ILE A 245 31.82 15.96 -30.35
C ILE A 245 30.53 15.57 -31.06
N THR A 246 30.28 14.27 -31.15
CA THR A 246 29.05 13.76 -31.73
C THR A 246 27.83 14.28 -30.97
N LEU A 247 27.93 14.27 -29.65
CA LEU A 247 26.85 14.76 -28.80
C LEU A 247 26.62 16.26 -29.01
N LYS A 248 27.69 17.03 -28.88
CA LYS A 248 27.67 18.48 -29.12
C LYS A 248 27.01 18.82 -30.45
N SER A 249 27.40 18.09 -31.49
CA SER A 249 26.87 18.31 -32.83
C SER A 249 25.40 17.89 -32.92
N TYR A 250 25.03 16.87 -32.16
CA TYR A 250 23.64 16.40 -32.15
C TYR A 250 22.74 17.46 -31.52
N ILE A 251 23.20 18.06 -30.42
CA ILE A 251 22.46 19.16 -29.82
C ILE A 251 22.40 20.30 -30.82
N GLU A 252 23.53 20.56 -31.48
CA GLU A 252 23.63 21.65 -32.45
C GLU A 252 22.67 21.52 -33.64
N CYS A 253 22.38 20.29 -34.05
CA CYS A 253 21.63 20.09 -35.29
C CYS A 253 20.20 19.59 -35.11
N ASN A 254 19.93 18.88 -34.02
CA ASN A 254 18.64 18.23 -33.83
C ASN A 254 17.72 18.88 -32.80
N ARG A 255 18.03 20.12 -32.43
CA ARG A 255 17.19 20.88 -31.50
C ARG A 255 17.13 22.34 -31.91
N PRO A 256 16.03 23.03 -31.58
CA PRO A 256 15.87 24.47 -31.86
C PRO A 256 17.12 25.25 -31.46
N GLN A 257 17.56 26.18 -32.32
CA GLN A 257 18.87 26.81 -32.19
C GLN A 257 19.20 27.47 -30.82
N PRO A 258 18.54 28.59 -30.47
CA PRO A 258 19.02 29.20 -29.23
C PRO A 258 18.30 28.68 -28.00
N ALA A 259 17.23 27.92 -28.17
CA ALA A 259 16.52 27.36 -27.03
C ALA A 259 17.41 26.34 -26.33
N HIS A 260 18.20 25.62 -27.11
CA HIS A 260 19.08 24.58 -26.58
C HIS A 260 20.54 24.76 -26.99
N ARG A 261 21.19 25.76 -26.43
CA ARG A 261 22.60 26.00 -26.70
C ARG A 261 23.43 25.67 -25.47
N PHE A 262 22.87 25.92 -24.29
CA PHE A 262 23.55 25.59 -23.04
C PHE A 262 23.21 24.18 -22.57
N LEU A 263 22.52 23.42 -23.41
CA LEU A 263 22.16 22.04 -23.09
C LEU A 263 23.39 21.18 -22.90
N PHE A 264 24.37 21.37 -23.78
CA PHE A 264 25.61 20.62 -23.71
C PHE A 264 26.35 20.93 -22.41
N LEU A 265 26.29 22.20 -22.00
CA LEU A 265 26.92 22.62 -20.75
C LEU A 265 26.29 21.92 -19.55
N LYS A 266 24.96 21.84 -19.56
CA LYS A 266 24.22 21.20 -18.49
C LYS A 266 24.51 19.70 -18.44
N ILE A 267 24.57 19.08 -19.62
CA ILE A 267 24.90 17.66 -19.73
C ILE A 267 26.30 17.38 -19.22
N MET A 268 27.23 18.30 -19.52
CA MET A 268 28.60 18.13 -19.07
C MET A 268 28.68 18.30 -17.57
N ALA A 269 27.89 19.22 -17.04
CA ALA A 269 27.79 19.40 -15.59
C ALA A 269 27.28 18.12 -14.93
N MET A 270 26.33 17.48 -15.61
CA MET A 270 25.77 16.22 -15.16
C MET A 270 26.81 15.11 -15.12
N LEU A 271 27.57 14.99 -16.21
CA LEU A 271 28.65 14.01 -16.28
C LEU A 271 29.74 14.31 -15.26
N THR A 272 29.81 15.57 -14.83
CA THR A 272 30.80 15.99 -13.84
C THR A 272 30.37 15.64 -12.42
N GLU A 273 29.11 15.88 -12.10
CA GLU A 273 28.59 15.56 -10.77
C GLU A 273 28.46 14.05 -10.59
N LEU A 274 28.18 13.37 -11.70
CA LEU A 274 28.12 11.92 -11.77
C LEU A 274 29.32 11.25 -11.10
N ARG A 275 30.49 11.89 -11.23
CA ARG A 275 31.72 11.38 -10.63
C ARG A 275 31.62 11.40 -9.10
N SER A 276 31.23 12.56 -8.56
CA SER A 276 31.05 12.72 -7.13
C SER A 276 30.07 11.68 -6.62
N ILE A 277 28.92 11.60 -7.28
CA ILE A 277 27.89 10.61 -6.96
C ILE A 277 28.50 9.22 -6.88
N ASN A 278 29.29 8.88 -7.89
CA ASN A 278 29.92 7.56 -7.97
C ASN A 278 30.84 7.27 -6.79
N ALA A 279 31.72 8.22 -6.50
CA ALA A 279 32.68 8.07 -5.40
C ALA A 279 31.98 7.91 -4.04
N GLN A 280 31.09 8.84 -3.74
CA GLN A 280 30.35 8.82 -2.52
C GLN A 280 29.41 7.63 -2.36
N HIS A 281 28.88 7.14 -3.44
CA HIS A 281 28.09 5.92 -3.43
C HIS A 281 28.98 4.73 -3.13
N THR A 282 30.17 4.72 -3.72
CA THR A 282 31.12 3.65 -3.46
C THR A 282 31.48 3.60 -1.98
N GLN A 283 31.92 4.72 -1.43
CA GLN A 283 32.30 4.73 -0.01
C GLN A 283 31.13 4.44 0.93
N ARG A 284 29.94 4.90 0.56
CA ARG A 284 28.74 4.65 1.36
C ARG A 284 28.40 3.16 1.39
N LEU A 285 28.39 2.56 0.20
CA LEU A 285 28.15 1.12 0.05
C LEU A 285 29.18 0.34 0.86
N LEU A 286 30.42 0.81 0.82
CA LEU A 286 31.49 0.23 1.62
C LEU A 286 31.16 0.26 3.10
N ARG A 287 30.78 1.44 3.59
CA ARG A 287 30.45 1.63 5.00
C ARG A 287 29.28 0.75 5.43
N ILE A 288 28.31 0.55 4.54
CA ILE A 288 27.18 -0.30 4.86
C ILE A 288 27.57 -1.78 4.89
N GLN A 289 28.23 -2.23 3.83
CA GLN A 289 28.70 -3.61 3.71
C GLN A 289 29.59 -4.00 4.89
N ASP A 290 30.36 -3.03 5.38
CA ASP A 290 31.32 -3.25 6.45
C ASP A 290 30.66 -3.74 7.75
N ILE A 291 29.50 -3.20 8.07
CA ILE A 291 28.81 -3.59 9.30
C ILE A 291 27.60 -4.49 9.02
N HIS A 292 27.28 -4.66 7.74
CA HIS A 292 26.12 -5.47 7.36
C HIS A 292 26.22 -6.00 5.93
N PRO A 293 26.96 -7.11 5.74
CA PRO A 293 27.12 -7.75 4.42
C PRO A 293 25.77 -8.04 3.77
N PHE A 294 25.63 -7.69 2.49
CA PHE A 294 24.38 -7.87 1.76
C PHE A 294 24.62 -7.95 0.26
N ALA A 295 25.77 -7.46 -0.17
CA ALA A 295 26.04 -7.23 -1.58
C ALA A 295 26.40 -8.49 -2.36
N THR A 296 25.80 -8.60 -3.54
CA THR A 296 26.02 -9.74 -4.43
C THR A 296 27.48 -9.79 -4.90
N PRO A 297 27.98 -11.00 -5.21
CA PRO A 297 29.34 -11.20 -5.69
C PRO A 297 29.74 -10.26 -6.84
N LEU A 298 28.82 -10.01 -7.75
CA LEU A 298 29.06 -9.08 -8.85
C LEU A 298 29.28 -7.67 -8.33
N MET A 299 28.48 -7.27 -7.34
CA MET A 299 28.67 -5.98 -6.70
C MET A 299 30.00 -5.97 -5.96
N GLN A 300 30.33 -7.07 -5.31
CA GLN A 300 31.60 -7.19 -4.60
C GLN A 300 32.77 -6.99 -5.55
N GLU A 301 32.59 -7.43 -6.79
CA GLU A 301 33.64 -7.27 -7.80
C GLU A 301 33.69 -5.87 -8.39
N LEU A 302 32.53 -5.30 -8.71
CA LEU A 302 32.44 -3.97 -9.29
C LEU A 302 32.94 -2.88 -8.34
N PHE A 303 33.01 -3.20 -7.05
CA PHE A 303 33.44 -2.24 -6.04
C PHE A 303 34.64 -2.80 -5.27
N GLY A 304 35.22 -3.87 -5.82
CA GLY A 304 36.40 -4.53 -5.27
C GLY A 304 36.35 -4.83 -3.78
N ILE A 305 35.52 -5.81 -3.42
CA ILE A 305 35.37 -6.22 -2.02
C ILE A 305 35.96 -7.60 -1.76
N THR A 306 36.99 -7.65 -0.92
CA THR A 306 37.61 -8.93 -0.59
C THR A 306 37.25 -9.34 0.84
N SER A 317 47.22 -9.57 -6.99
CA SER A 317 46.17 -9.62 -8.00
C SER A 317 46.54 -9.57 -9.46
N SER A 318 45.51 -9.90 -10.23
CA SER A 318 45.40 -9.49 -11.64
C SER A 318 43.92 -9.36 -12.02
N LEU A 319 43.61 -8.36 -12.86
CA LEU A 319 42.24 -8.00 -13.27
C LEU A 319 41.27 -9.13 -13.59
N THR A 320 41.75 -10.14 -14.33
CA THR A 320 40.90 -11.26 -14.69
C THR A 320 40.57 -12.18 -13.51
N GLU A 321 41.54 -12.48 -12.65
CA GLU A 321 41.29 -13.31 -11.46
C GLU A 321 40.53 -12.49 -10.41
N ARG A 322 40.64 -11.17 -10.51
CA ARG A 322 40.01 -10.30 -9.53
C ARG A 322 38.54 -10.07 -9.87
N HIS A 323 38.13 -10.44 -11.08
CA HIS A 323 36.79 -10.16 -11.56
C HIS A 323 36.24 -11.29 -12.42
N LYS A 324 36.44 -12.51 -11.93
CA LYS A 324 36.09 -13.74 -12.65
C LYS A 324 34.67 -13.73 -13.20
N ILE A 325 33.73 -13.17 -12.44
CA ILE A 325 32.36 -13.02 -12.91
C ILE A 325 32.30 -12.04 -14.06
N LEU A 326 32.76 -10.82 -13.82
CA LEU A 326 32.78 -9.77 -14.83
C LEU A 326 33.46 -10.30 -16.08
N HIS A 327 34.67 -10.79 -15.90
CA HIS A 327 35.45 -11.38 -16.98
C HIS A 327 34.69 -12.47 -17.72
N ARG A 328 33.93 -13.28 -16.98
CA ARG A 328 33.17 -14.35 -17.59
C ARG A 328 32.02 -13.79 -18.42
N LEU A 329 31.43 -12.70 -17.93
CA LEU A 329 30.29 -12.09 -18.62
C LEU A 329 30.74 -11.43 -19.92
N LEU A 330 32.01 -11.04 -19.97
CA LEU A 330 32.56 -10.37 -21.14
C LEU A 330 32.98 -11.34 -22.24
N GLN A 331 32.81 -12.63 -21.99
CA GLN A 331 33.09 -13.65 -23.00
C GLN A 331 31.81 -14.40 -23.36
N GLU A 332 31.66 -14.72 -24.64
CA GLU A 332 30.43 -15.35 -25.12
C GLU A 332 30.70 -16.53 -26.06
N GLY A 333 29.88 -17.57 -26.00
CA GLY A 333 28.65 -17.55 -25.22
C GLY A 333 28.40 -18.61 -24.16
N SER A 334 27.94 -19.78 -24.62
CA SER A 334 27.23 -20.83 -23.85
C SER A 334 25.68 -20.71 -23.73
N PRO A 335 25.00 -20.00 -24.66
CA PRO A 335 23.55 -19.90 -24.42
C PRO A 335 22.83 -21.23 -24.65
N GLN B 15 -27.18 0.19 37.96
CA GLN B 15 -26.79 -1.21 38.02
C GLN B 15 -27.93 -2.05 38.60
N GLY B 16 -29.13 -1.88 38.05
CA GLY B 16 -30.32 -2.50 38.60
C GLY B 16 -30.62 -3.89 38.07
N LEU B 17 -29.81 -4.86 38.49
CA LEU B 17 -30.07 -6.26 38.15
C LEU B 17 -30.11 -7.12 39.41
N THR B 18 -30.57 -8.36 39.27
CA THR B 18 -30.53 -9.34 40.34
C THR B 18 -29.10 -9.84 40.50
N GLU B 19 -28.89 -10.78 41.41
CA GLU B 19 -27.56 -11.35 41.59
C GLU B 19 -27.22 -12.27 40.42
N GLU B 20 -28.18 -13.12 40.06
CA GLU B 20 -27.98 -14.07 38.97
C GLU B 20 -27.74 -13.37 37.63
N GLN B 21 -28.41 -12.24 37.43
CA GLN B 21 -28.25 -11.47 36.19
C GLN B 21 -26.83 -10.92 36.04
N ARG B 22 -26.36 -10.22 37.07
CA ARG B 22 -25.00 -9.68 37.06
C ARG B 22 -23.99 -10.82 37.09
N MET B 23 -24.41 -11.99 37.57
CA MET B 23 -23.57 -13.18 37.54
C MET B 23 -23.39 -13.61 36.09
N MET B 24 -24.49 -13.58 35.35
CA MET B 24 -24.45 -13.85 33.92
C MET B 24 -23.51 -12.88 33.22
N ILE B 25 -23.75 -11.59 33.42
CA ILE B 25 -22.92 -10.57 32.80
C ILE B 25 -21.44 -10.74 33.12
N ARG B 26 -21.12 -10.97 34.39
CA ARG B 26 -19.74 -11.20 34.80
C ARG B 26 -19.13 -12.41 34.09
N GLU B 27 -19.84 -13.53 34.11
CA GLU B 27 -19.37 -14.74 33.46
C GLU B 27 -19.11 -14.53 31.96
N LEU B 28 -20.03 -13.84 31.31
CA LEU B 28 -19.94 -13.52 29.89
C LEU B 28 -18.76 -12.62 29.57
N MET B 29 -18.62 -11.53 30.32
CA MET B 29 -17.51 -10.60 30.17
C MET B 29 -16.18 -11.31 30.34
N ASP B 30 -16.11 -12.21 31.31
CA ASP B 30 -14.90 -12.99 31.54
C ASP B 30 -14.61 -13.92 30.35
N ALA B 31 -15.65 -14.60 29.87
CA ALA B 31 -15.55 -15.48 28.70
C ALA B 31 -14.98 -14.74 27.50
N GLN B 32 -15.59 -13.60 27.19
CA GLN B 32 -15.16 -12.73 26.11
C GLN B 32 -13.71 -12.32 26.29
N MET B 33 -13.38 -11.78 27.46
CA MET B 33 -12.04 -11.31 27.75
C MET B 33 -10.99 -12.38 27.53
N LYS B 34 -11.31 -13.61 27.94
CA LYS B 34 -10.39 -14.73 27.83
C LYS B 34 -10.24 -15.27 26.41
N THR B 35 -11.35 -15.30 25.68
CA THR B 35 -11.41 -16.04 24.41
C THR B 35 -11.37 -15.15 23.18
N PHE B 36 -11.42 -13.83 23.39
CA PHE B 36 -11.35 -12.89 22.29
C PHE B 36 -10.05 -12.10 22.31
N ASP B 37 -9.21 -12.34 21.31
CA ASP B 37 -7.95 -11.64 21.18
C ASP B 37 -8.11 -10.48 20.20
N THR B 38 -8.27 -9.28 20.73
CA THR B 38 -8.55 -8.09 19.91
C THR B 38 -7.33 -7.61 19.15
N THR B 39 -6.14 -8.06 19.56
CA THR B 39 -4.91 -7.67 18.89
C THR B 39 -4.55 -8.67 17.80
N PHE B 40 -5.19 -9.83 17.83
CA PHE B 40 -5.02 -10.87 16.82
C PHE B 40 -3.56 -11.32 16.73
N SER B 41 -2.86 -11.27 17.86
CA SER B 41 -1.44 -11.60 17.91
C SER B 41 -1.18 -13.09 17.66
N HIS B 42 -2.22 -13.91 17.82
CA HIS B 42 -2.08 -15.35 17.67
C HIS B 42 -2.71 -15.87 16.38
N PHE B 43 -3.11 -14.94 15.52
CA PHE B 43 -3.51 -15.31 14.16
C PHE B 43 -2.26 -15.34 13.30
N LYS B 44 -1.66 -16.52 13.19
CA LYS B 44 -0.39 -16.66 12.49
C LYS B 44 -0.44 -17.77 11.43
N ASN B 45 0.65 -17.90 10.68
CA ASN B 45 0.77 -18.93 9.65
C ASN B 45 -0.32 -18.89 8.59
N PHE B 46 -1.02 -17.76 8.53
CA PHE B 46 -2.08 -17.57 7.54
C PHE B 46 -1.47 -17.30 6.18
N ARG B 47 -2.14 -17.77 5.13
CA ARG B 47 -1.65 -17.57 3.78
C ARG B 47 -2.16 -16.25 3.19
N LEU B 48 -1.40 -15.72 2.24
CA LEU B 48 -1.65 -14.41 1.67
C LEU B 48 -1.90 -14.51 0.17
N PRO B 49 -2.53 -13.48 -0.42
CA PRO B 49 -2.73 -13.45 -1.87
C PRO B 49 -1.43 -13.59 -2.63
N GLY B 50 -1.49 -14.19 -3.82
CA GLY B 50 -0.33 -14.35 -4.66
C GLY B 50 0.31 -13.01 -4.98
N VAL B 51 1.63 -12.95 -4.86
CA VAL B 51 2.38 -11.71 -5.07
C VAL B 51 2.18 -11.15 -6.49
N ARG B 67 -21.71 -23.95 -20.20
CA ARG B 67 -22.85 -23.04 -20.34
C ARG B 67 -23.35 -22.52 -18.99
N GLU B 68 -24.28 -23.25 -18.38
CA GLU B 68 -24.83 -22.91 -17.07
C GLU B 68 -23.73 -22.61 -16.05
N GLU B 69 -22.58 -23.27 -16.23
CA GLU B 69 -21.37 -22.94 -15.49
C GLU B 69 -21.16 -21.42 -15.52
N ALA B 70 -21.14 -20.84 -16.71
CA ALA B 70 -20.95 -19.40 -16.87
C ALA B 70 -22.08 -18.60 -16.22
N ALA B 71 -23.29 -19.14 -16.29
CA ALA B 71 -24.45 -18.51 -15.66
C ALA B 71 -24.23 -18.38 -14.16
N LYS B 72 -23.60 -19.41 -13.58
CA LYS B 72 -23.24 -19.39 -12.16
C LYS B 72 -22.11 -18.39 -11.96
N TRP B 73 -21.12 -18.42 -12.86
CA TRP B 73 -19.98 -17.52 -12.82
C TRP B 73 -20.39 -16.06 -12.70
N SER B 74 -21.43 -15.68 -13.42
CA SER B 74 -21.98 -14.33 -13.30
C SER B 74 -22.46 -14.04 -11.89
N GLN B 75 -23.19 -14.99 -11.30
CA GLN B 75 -23.75 -14.84 -9.97
C GLN B 75 -22.67 -14.73 -8.89
N VAL B 76 -21.70 -15.65 -8.93
CA VAL B 76 -20.58 -15.62 -7.99
C VAL B 76 -19.78 -14.34 -8.15
N ARG B 77 -19.63 -13.90 -9.40
CA ARG B 77 -18.99 -12.63 -9.69
C ARG B 77 -19.70 -11.54 -8.91
N LYS B 78 -21.02 -11.44 -9.10
CA LYS B 78 -21.86 -10.50 -8.35
C LYS B 78 -21.54 -10.57 -6.87
N ASP B 79 -21.53 -11.79 -6.35
CA ASP B 79 -21.27 -12.03 -4.94
C ASP B 79 -19.95 -11.40 -4.50
N LEU B 80 -18.93 -11.47 -5.36
CA LEU B 80 -17.60 -11.01 -4.96
C LEU B 80 -17.29 -9.52 -5.16
N CYS B 81 -17.73 -8.91 -6.26
CA CYS B 81 -17.39 -7.50 -6.50
C CYS B 81 -17.94 -6.53 -5.44
N SER B 82 -18.74 -7.06 -4.51
CA SER B 82 -19.27 -6.29 -3.39
C SER B 82 -18.23 -6.17 -2.28
N LEU B 83 -17.88 -7.32 -1.70
CA LEU B 83 -16.96 -7.37 -0.58
C LEU B 83 -15.50 -7.27 -1.03
N LYS B 84 -15.17 -6.15 -1.65
CA LYS B 84 -13.80 -5.88 -2.04
C LYS B 84 -13.13 -5.06 -0.95
N VAL B 85 -12.16 -5.68 -0.27
CA VAL B 85 -11.41 -4.98 0.76
C VAL B 85 -9.92 -5.07 0.50
N SER B 86 -9.21 -4.01 0.82
CA SER B 86 -7.75 -4.01 0.75
C SER B 86 -7.20 -4.58 2.05
N LEU B 87 -6.16 -5.40 1.91
CA LEU B 87 -5.56 -6.08 3.05
C LEU B 87 -4.28 -5.38 3.48
N GLN B 88 -4.37 -4.57 4.52
CA GLN B 88 -3.21 -3.84 5.03
C GLN B 88 -2.61 -4.61 6.21
N LEU B 89 -1.30 -4.82 6.17
CA LEU B 89 -0.65 -5.75 7.08
C LEU B 89 0.66 -5.20 7.61
N ARG B 90 0.87 -5.29 8.91
CA ARG B 90 1.99 -4.66 9.59
C ARG B 90 2.65 -5.77 10.30
N GLY B 91 3.90 -5.64 10.67
CA GLY B 91 4.55 -4.42 11.09
C GLY B 91 5.46 -4.93 12.17
N GLU B 92 5.78 -4.09 13.15
CA GLU B 92 6.62 -4.48 14.28
C GLU B 92 8.08 -4.29 13.96
N ASP B 93 8.33 -3.79 12.77
CA ASP B 93 9.34 -2.81 12.48
C ASP B 93 8.66 -1.49 12.12
N GLY B 94 7.35 -1.53 11.92
CA GLY B 94 6.64 -0.36 11.46
C GLY B 94 6.50 -0.34 9.97
N SER B 95 6.88 -1.44 9.35
CA SER B 95 6.64 -1.63 7.94
C SER B 95 5.19 -1.88 7.69
N VAL B 96 4.73 -1.57 6.50
CA VAL B 96 3.35 -1.82 6.07
C VAL B 96 3.32 -2.43 4.67
N TRP B 97 3.01 -3.72 4.61
CA TRP B 97 2.70 -4.36 3.35
C TRP B 97 1.22 -4.12 3.06
N ASN B 98 0.93 -3.48 1.93
CA ASN B 98 -0.47 -3.15 1.62
C ASN B 98 -0.92 -3.80 0.32
N TYR B 99 -1.91 -4.69 0.42
CA TYR B 99 -2.44 -5.37 -0.75
C TYR B 99 -3.75 -4.75 -1.24
N LYS B 100 -3.82 -4.52 -2.55
CA LYS B 100 -5.05 -4.05 -3.18
C LYS B 100 -5.57 -5.13 -4.15
N PRO B 101 -6.84 -5.50 -4.01
CA PRO B 101 -7.47 -6.52 -4.85
C PRO B 101 -7.56 -6.06 -6.30
N PRO B 102 -7.54 -7.00 -7.25
CA PRO B 102 -7.59 -6.68 -8.68
C PRO B 102 -8.99 -6.28 -9.12
N ALA B 103 -9.10 -5.59 -10.26
CA ALA B 103 -10.39 -5.33 -10.87
C ALA B 103 -10.92 -6.66 -11.42
N ASP B 104 -12.25 -6.76 -11.55
CA ASP B 104 -12.92 -8.06 -11.64
C ASP B 104 -12.36 -9.12 -12.60
N SER B 105 -12.17 -8.77 -13.87
CA SER B 105 -11.82 -9.80 -14.85
C SER B 105 -10.78 -9.40 -15.89
N GLY B 106 -9.63 -10.09 -15.98
CA GLY B 106 -9.09 -11.06 -15.02
C GLY B 106 -9.90 -12.03 -14.18
N GLY B 107 -10.57 -12.99 -14.81
CA GLY B 107 -11.35 -13.98 -14.08
C GLY B 107 -10.47 -14.90 -13.26
N LYS B 108 -10.96 -15.30 -12.09
CA LYS B 108 -10.24 -16.12 -11.10
C LYS B 108 -9.29 -15.28 -10.24
N GLU B 109 -9.11 -14.02 -10.62
CA GLU B 109 -8.27 -13.09 -9.87
C GLU B 109 -9.09 -12.44 -8.76
N ILE B 110 -10.31 -12.92 -8.58
CA ILE B 110 -11.20 -12.40 -7.56
C ILE B 110 -11.17 -13.34 -6.36
N PHE B 111 -10.55 -14.50 -6.55
CA PHE B 111 -10.46 -15.51 -5.52
C PHE B 111 -9.13 -15.43 -4.80
N SER B 112 -8.48 -14.28 -4.90
CA SER B 112 -7.14 -14.10 -4.34
C SER B 112 -7.16 -13.97 -2.82
N LEU B 113 -8.20 -13.33 -2.29
CA LEU B 113 -8.32 -13.12 -0.85
C LEU B 113 -9.03 -14.27 -0.15
N LEU B 114 -9.70 -15.12 -0.92
CA LEU B 114 -10.47 -16.24 -0.38
C LEU B 114 -9.71 -17.14 0.62
N PRO B 115 -8.47 -17.56 0.29
CA PRO B 115 -7.75 -18.42 1.25
C PRO B 115 -7.47 -17.71 2.58
N HIS B 116 -7.01 -16.47 2.49
CA HIS B 116 -6.73 -15.66 3.67
C HIS B 116 -8.00 -15.45 4.48
N MET B 117 -9.09 -15.10 3.79
CA MET B 117 -10.38 -14.88 4.43
C MET B 117 -10.85 -16.15 5.13
N ALA B 118 -10.52 -17.29 4.53
CA ALA B 118 -10.88 -18.59 5.09
C ALA B 118 -10.13 -18.84 6.39
N ASP B 119 -8.81 -18.63 6.36
CA ASP B 119 -8.00 -18.79 7.57
C ASP B 119 -8.49 -17.88 8.68
N MET B 120 -8.80 -16.64 8.31
CA MET B 120 -9.32 -15.67 9.27
C MET B 120 -10.62 -16.17 9.90
N SER B 121 -11.57 -16.57 9.05
CA SER B 121 -12.85 -17.10 9.50
C SER B 121 -12.64 -18.28 10.46
N THR B 122 -11.67 -19.13 10.15
CA THR B 122 -11.36 -20.29 10.98
C THR B 122 -10.84 -19.87 12.36
N TYR B 123 -9.96 -18.89 12.39
CA TYR B 123 -9.42 -18.37 13.65
C TYR B 123 -10.53 -17.76 14.50
N MET B 124 -11.36 -16.93 13.88
CA MET B 124 -12.52 -16.34 14.57
C MET B 124 -13.46 -17.41 15.13
N PHE B 125 -13.78 -18.41 14.30
CA PHE B 125 -14.65 -19.50 14.70
C PHE B 125 -14.08 -20.24 15.90
N LYS B 126 -12.77 -20.47 15.88
CA LYS B 126 -12.12 -21.11 17.02
C LYS B 126 -12.31 -20.29 18.28
N GLY B 127 -12.07 -18.98 18.18
CA GLY B 127 -12.26 -18.09 19.31
C GLY B 127 -13.68 -18.19 19.87
N ILE B 128 -14.65 -18.21 18.96
CA ILE B 128 -16.04 -18.33 19.32
C ILE B 128 -16.35 -19.63 20.05
N ILE B 129 -15.83 -20.74 19.51
CA ILE B 129 -15.97 -22.04 20.14
C ILE B 129 -15.45 -22.01 21.58
N SER B 130 -14.26 -21.46 21.76
CA SER B 130 -13.68 -21.33 23.10
C SER B 130 -14.61 -20.54 24.00
N PHE B 131 -15.12 -19.43 23.45
CA PHE B 131 -16.07 -18.57 24.16
C PHE B 131 -17.29 -19.35 24.64
N ALA B 132 -17.73 -20.30 23.82
CA ALA B 132 -18.88 -21.13 24.16
C ALA B 132 -18.49 -22.11 25.28
N LYS B 133 -17.28 -22.66 25.19
CA LYS B 133 -16.79 -23.62 26.17
C LYS B 133 -16.67 -23.05 27.58
N VAL B 134 -16.08 -21.86 27.70
CA VAL B 134 -15.88 -21.26 29.02
C VAL B 134 -17.20 -21.03 29.78
N ILE B 135 -18.24 -20.65 29.05
CA ILE B 135 -19.57 -20.43 29.63
C ILE B 135 -20.15 -21.69 30.27
N SER B 136 -20.53 -21.58 31.53
CA SER B 136 -21.04 -22.72 32.31
C SER B 136 -22.32 -23.34 31.74
N TYR B 137 -23.31 -22.51 31.42
CA TYR B 137 -24.60 -22.98 30.92
C TYR B 137 -24.44 -23.80 29.64
N PHE B 138 -23.66 -23.27 28.71
CA PHE B 138 -23.41 -23.95 27.44
C PHE B 138 -22.71 -25.29 27.70
N ARG B 139 -21.83 -25.28 28.69
CA ARG B 139 -21.07 -26.46 29.08
C ARG B 139 -21.96 -27.55 29.67
N ASP B 140 -23.08 -27.15 30.27
CA ASP B 140 -23.99 -28.11 30.90
C ASP B 140 -24.95 -28.74 29.90
N LEU B 141 -24.87 -28.32 28.65
CA LEU B 141 -25.72 -28.86 27.60
C LEU B 141 -25.08 -30.11 27.00
N PRO B 142 -25.91 -31.03 26.46
CA PRO B 142 -25.39 -32.20 25.75
C PRO B 142 -24.51 -31.75 24.59
N ILE B 143 -23.48 -32.53 24.28
CA ILE B 143 -22.52 -32.15 23.25
C ILE B 143 -23.19 -31.91 21.90
N GLU B 144 -24.30 -32.61 21.66
CA GLU B 144 -25.04 -32.49 20.43
C GLU B 144 -25.66 -31.10 20.30
N ASP B 145 -26.23 -30.63 21.41
CA ASP B 145 -26.85 -29.31 21.44
C ASP B 145 -25.80 -28.22 21.35
N GLN B 146 -24.61 -28.51 21.87
CA GLN B 146 -23.48 -27.59 21.76
C GLN B 146 -23.07 -27.44 20.30
N ILE B 147 -22.97 -28.58 19.63
CA ILE B 147 -22.65 -28.59 18.20
C ILE B 147 -23.69 -27.83 17.39
N SER B 148 -24.96 -28.11 17.63
CA SER B 148 -26.05 -27.48 16.90
C SER B 148 -26.08 -25.96 17.10
N LEU B 149 -25.98 -25.55 18.36
CA LEU B 149 -25.97 -24.13 18.71
C LEU B 149 -24.79 -23.41 18.06
N LEU B 150 -23.61 -23.99 18.20
CA LEU B 150 -22.41 -23.42 17.60
C LEU B 150 -22.54 -23.29 16.09
N LYS B 151 -23.03 -24.33 15.43
CA LYS B 151 -23.27 -24.29 14.00
C LYS B 151 -24.19 -23.13 13.63
N GLY B 152 -25.30 -23.04 14.34
CA GLY B 152 -26.31 -22.02 14.05
C GLY B 152 -25.85 -20.59 14.29
N ALA B 153 -24.99 -20.38 15.28
CA ALA B 153 -24.64 -19.01 15.68
C ALA B 153 -23.17 -18.62 15.44
N ALA B 154 -22.42 -19.50 14.78
CA ALA B 154 -21.00 -19.27 14.55
C ALA B 154 -20.75 -17.97 13.80
N PHE B 155 -21.37 -17.84 12.63
CA PHE B 155 -21.16 -16.68 11.77
C PHE B 155 -21.69 -15.41 12.41
N GLU B 156 -22.84 -15.50 13.07
CA GLU B 156 -23.43 -14.36 13.74
C GLU B 156 -22.51 -13.82 14.83
N LEU B 157 -22.00 -14.74 15.65
CA LEU B 157 -21.06 -14.39 16.70
C LEU B 157 -19.80 -13.78 16.10
N CYS B 158 -19.37 -14.32 14.96
CA CYS B 158 -18.20 -13.81 14.26
C CYS B 158 -18.39 -12.36 13.84
N GLN B 159 -19.57 -12.05 13.32
CA GLN B 159 -19.89 -10.69 12.91
C GLN B 159 -19.97 -9.75 14.10
N LEU B 160 -20.57 -10.22 15.19
CA LEU B 160 -20.65 -9.41 16.41
C LEU B 160 -19.27 -9.12 16.98
N ARG B 161 -18.35 -10.08 16.85
CA ARG B 161 -16.99 -9.91 17.35
C ARG B 161 -16.15 -9.10 16.37
N PHE B 162 -16.59 -9.03 15.12
CA PHE B 162 -15.88 -8.25 14.10
C PHE B 162 -16.31 -6.79 14.16
N ASN B 163 -17.52 -6.56 14.65
CA ASN B 163 -18.04 -5.20 14.74
C ASN B 163 -17.33 -4.34 15.77
N THR B 164 -16.78 -4.99 16.80
CA THR B 164 -16.11 -4.26 17.88
C THR B 164 -14.79 -3.66 17.45
N VAL B 165 -14.13 -4.30 16.48
CA VAL B 165 -12.86 -3.81 15.97
C VAL B 165 -13.07 -3.04 14.68
N PHE B 166 -14.33 -2.84 14.32
CA PHE B 166 -14.68 -2.15 13.08
C PHE B 166 -14.69 -0.63 13.26
N ASN B 167 -14.11 0.06 12.29
CA ASN B 167 -14.08 1.52 12.31
C ASN B 167 -15.09 2.07 11.31
N ALA B 168 -16.13 2.73 11.83
CA ALA B 168 -17.20 3.22 10.98
C ALA B 168 -16.76 4.42 10.13
N GLU B 169 -15.77 5.15 10.63
CA GLU B 169 -15.32 6.36 9.93
C GLU B 169 -14.43 6.05 8.74
N THR B 170 -13.47 5.14 8.94
CA THR B 170 -12.55 4.78 7.88
C THR B 170 -13.01 3.55 7.11
N GLY B 171 -14.14 2.99 7.52
CA GLY B 171 -14.66 1.78 6.92
C GLY B 171 -13.65 0.66 6.96
N THR B 172 -13.02 0.49 8.12
CA THR B 172 -11.92 -0.44 8.27
C THR B 172 -12.11 -1.36 9.48
N TRP B 173 -11.84 -2.65 9.28
CA TRP B 173 -11.73 -3.56 10.39
C TRP B 173 -10.29 -3.58 10.89
N GLU B 174 -10.07 -2.87 12.00
CA GLU B 174 -8.75 -2.77 12.61
C GLU B 174 -8.49 -3.95 13.54
N CYS B 175 -8.13 -5.09 12.94
CA CYS B 175 -7.78 -6.28 13.71
C CYS B 175 -6.34 -6.21 14.18
N GLY B 176 -6.10 -5.31 15.14
CA GLY B 176 -4.77 -5.12 15.69
C GLY B 176 -3.73 -4.81 14.65
N ARG B 177 -2.89 -5.78 14.35
CA ARG B 177 -1.86 -5.63 13.32
C ARG B 177 -2.49 -5.53 11.94
N LEU B 178 -3.44 -6.40 11.65
CA LEU B 178 -4.07 -6.41 10.34
C LEU B 178 -5.19 -5.38 10.26
N SER B 179 -5.44 -4.90 9.04
CA SER B 179 -6.53 -3.97 8.78
C SER B 179 -7.20 -4.36 7.47
N TYR B 180 -8.52 -4.37 7.45
CA TYR B 180 -9.24 -4.66 6.23
C TYR B 180 -10.08 -3.46 5.85
N CYS B 181 -9.69 -2.78 4.77
CA CYS B 181 -10.36 -1.52 4.44
C CYS B 181 -11.30 -1.65 3.25
N LEU B 182 -12.53 -1.16 3.41
CA LEU B 182 -13.51 -1.19 2.34
C LEU B 182 -13.08 -0.29 1.18
N GLU B 183 -13.03 -0.87 -0.02
CA GLU B 183 -12.67 -0.11 -1.22
C GLU B 183 -13.89 0.62 -1.77
N ASP B 184 -13.69 1.82 -2.27
CA ASP B 184 -14.78 2.65 -2.76
C ASP B 184 -15.27 2.21 -4.15
N THR B 185 -16.36 2.80 -4.60
CA THR B 185 -16.89 2.54 -5.94
C THR B 185 -16.55 3.67 -6.90
N PHE B 189 -20.79 5.44 -2.93
CA PHE B 189 -20.71 5.30 -1.50
C PHE B 189 -22.01 4.76 -0.91
N GLN B 190 -23.13 5.36 -1.28
CA GLN B 190 -24.43 4.92 -0.78
C GLN B 190 -24.75 3.48 -1.21
N GLN B 191 -24.03 3.01 -2.21
CA GLN B 191 -24.18 1.65 -2.72
C GLN B 191 -23.44 0.61 -1.88
N LEU B 192 -22.79 1.05 -0.80
CA LEU B 192 -22.17 0.11 0.12
C LEU B 192 -23.21 -0.39 1.11
N LEU B 193 -24.21 0.45 1.38
CA LEU B 193 -25.29 0.10 2.29
C LEU B 193 -26.29 -0.85 1.64
N LEU B 194 -26.22 -0.97 0.32
CA LEU B 194 -27.08 -1.91 -0.40
C LEU B 194 -26.63 -3.35 -0.23
N GLU B 195 -25.53 -3.55 0.50
CA GLU B 195 -25.11 -4.87 0.91
C GLU B 195 -25.38 -5.04 2.40
N PRO B 196 -26.35 -5.88 2.75
CA PRO B 196 -26.88 -6.05 4.11
C PRO B 196 -25.81 -6.23 5.19
N MET B 197 -24.63 -6.72 4.82
CA MET B 197 -23.56 -7.00 5.78
C MET B 197 -22.87 -5.71 6.22
N LEU B 198 -22.46 -4.89 5.25
CA LEU B 198 -21.82 -3.62 5.53
C LEU B 198 -22.79 -2.70 6.25
N LYS B 199 -24.03 -2.69 5.77
CA LYS B 199 -25.10 -1.94 6.41
C LYS B 199 -25.28 -2.41 7.85
N PHE B 200 -25.21 -3.72 8.05
CA PHE B 200 -25.28 -4.29 9.39
C PHE B 200 -24.18 -3.75 10.28
N HIS B 201 -22.95 -3.72 9.77
CA HIS B 201 -21.81 -3.27 10.57
C HIS B 201 -21.89 -1.79 10.93
N TYR B 202 -22.25 -0.96 9.95
CA TYR B 202 -22.41 0.48 10.22
C TYR B 202 -23.55 0.73 11.21
N MET B 203 -24.71 0.13 10.95
CA MET B 203 -25.88 0.27 11.82
C MET B 203 -25.56 -0.15 13.26
N LEU B 204 -24.91 -1.30 13.40
CA LEU B 204 -24.58 -1.82 14.72
C LEU B 204 -23.54 -0.96 15.42
N LYS B 205 -22.60 -0.42 14.67
CA LYS B 205 -21.57 0.41 15.25
C LYS B 205 -22.15 1.75 15.69
N LYS B 206 -23.22 2.16 15.02
CA LYS B 206 -23.84 3.45 15.28
C LYS B 206 -24.52 3.48 16.65
N LEU B 207 -24.93 2.31 17.14
CA LEU B 207 -25.58 2.21 18.44
C LEU B 207 -24.61 2.47 19.61
N GLN B 208 -23.31 2.46 19.32
CA GLN B 208 -22.27 2.67 20.34
C GLN B 208 -22.53 1.81 21.58
N LEU B 209 -22.50 0.50 21.40
CA LEU B 209 -22.84 -0.41 22.49
C LEU B 209 -21.67 -0.57 23.44
N HIS B 210 -21.96 -1.00 24.67
CA HIS B 210 -20.94 -1.34 25.64
C HIS B 210 -20.57 -2.80 25.42
N GLU B 211 -19.51 -3.24 26.09
CA GLU B 211 -19.05 -4.62 25.96
C GLU B 211 -20.09 -5.60 26.48
N GLU B 212 -20.72 -5.24 27.60
CA GLU B 212 -21.77 -6.05 28.19
C GLU B 212 -22.87 -6.32 27.19
N GLU B 213 -23.28 -5.27 26.49
CA GLU B 213 -24.34 -5.39 25.49
C GLU B 213 -23.94 -6.30 24.33
N TYR B 214 -22.69 -6.17 23.89
CA TYR B 214 -22.15 -7.03 22.83
C TYR B 214 -22.20 -8.49 23.24
N VAL B 215 -21.63 -8.79 24.41
CA VAL B 215 -21.52 -10.17 24.87
C VAL B 215 -22.91 -10.73 25.20
N LEU B 216 -23.85 -9.86 25.49
CA LEU B 216 -25.22 -10.28 25.75
C LEU B 216 -25.95 -10.60 24.44
N MET B 217 -25.63 -9.86 23.39
CA MET B 217 -26.16 -10.18 22.05
C MET B 217 -25.61 -11.54 21.61
N GLN B 218 -24.31 -11.72 21.81
CA GLN B 218 -23.66 -13.00 21.53
C GLN B 218 -24.35 -14.11 22.32
N ALA B 219 -24.66 -13.84 23.57
CA ALA B 219 -25.33 -14.81 24.43
C ALA B 219 -26.71 -15.17 23.90
N ILE B 220 -27.48 -14.15 23.53
CA ILE B 220 -28.83 -14.36 23.00
C ILE B 220 -28.81 -15.21 21.73
N SER B 221 -27.98 -14.83 20.76
CA SER B 221 -27.98 -15.53 19.49
C SER B 221 -27.33 -16.91 19.58
N LEU B 222 -26.41 -17.08 20.52
CA LEU B 222 -25.77 -18.38 20.73
C LEU B 222 -26.78 -19.38 21.28
N PHE B 223 -27.55 -18.96 22.28
CA PHE B 223 -28.53 -19.82 22.91
C PHE B 223 -29.88 -19.74 22.22
N SER B 224 -29.90 -20.02 20.91
CA SER B 224 -31.14 -19.98 20.14
C SER B 224 -31.76 -21.37 20.06
N PRO B 225 -33.00 -21.50 20.57
CA PRO B 225 -33.70 -22.80 20.59
C PRO B 225 -34.12 -23.24 19.20
N ASP B 226 -34.30 -22.27 18.31
CA ASP B 226 -34.78 -22.54 16.96
C ASP B 226 -33.73 -23.13 16.02
N ARG B 227 -32.51 -23.33 16.52
CA ARG B 227 -31.48 -24.02 15.75
C ARG B 227 -31.96 -25.44 15.42
N PRO B 228 -31.68 -25.88 14.19
CA PRO B 228 -32.14 -27.16 13.62
C PRO B 228 -32.08 -28.40 14.52
N GLY B 229 -30.90 -28.73 15.05
CA GLY B 229 -30.75 -29.96 15.81
C GLY B 229 -30.66 -29.82 17.32
N VAL B 230 -31.61 -29.10 17.92
CA VAL B 230 -31.58 -28.88 19.36
C VAL B 230 -32.51 -29.83 20.10
N LEU B 231 -31.94 -30.68 20.97
CA LEU B 231 -32.72 -31.63 21.74
C LEU B 231 -33.20 -31.01 23.05
N GLN B 232 -32.34 -30.22 23.68
CA GLN B 232 -32.67 -29.59 24.94
C GLN B 232 -33.33 -28.23 24.68
N HIS B 233 -34.38 -28.26 23.86
CA HIS B 233 -35.09 -27.06 23.43
C HIS B 233 -35.51 -26.16 24.59
N ARG B 234 -36.08 -26.78 25.63
CA ARG B 234 -36.64 -26.05 26.76
C ARG B 234 -35.56 -25.27 27.53
N VAL B 235 -34.48 -25.96 27.89
CA VAL B 235 -33.39 -25.33 28.63
C VAL B 235 -32.79 -24.15 27.87
N VAL B 236 -32.52 -24.37 26.59
CA VAL B 236 -31.98 -23.33 25.72
C VAL B 236 -32.93 -22.14 25.65
N ASP B 237 -34.22 -22.44 25.51
CA ASP B 237 -35.27 -21.42 25.49
C ASP B 237 -35.23 -20.56 26.76
N GLN B 238 -35.22 -21.23 27.90
CA GLN B 238 -35.13 -20.58 29.21
C GLN B 238 -33.91 -19.66 29.30
N LEU B 239 -32.74 -20.21 28.98
CA LEU B 239 -31.49 -19.45 29.01
C LEU B 239 -31.58 -18.20 28.15
N GLN B 240 -32.09 -18.35 26.94
CA GLN B 240 -32.22 -17.23 26.02
C GLN B 240 -33.14 -16.15 26.58
N GLU B 241 -34.27 -16.57 27.13
CA GLU B 241 -35.21 -15.61 27.71
C GLU B 241 -34.56 -14.84 28.86
N GLN B 242 -33.84 -15.56 29.72
CA GLN B 242 -33.13 -14.94 30.83
C GLN B 242 -32.11 -13.92 30.34
N PHE B 243 -31.38 -14.28 29.29
CA PHE B 243 -30.38 -13.39 28.71
C PHE B 243 -31.01 -12.14 28.13
N ALA B 244 -32.13 -12.31 27.43
CA ALA B 244 -32.82 -11.18 26.81
C ALA B 244 -33.34 -10.23 27.87
N ILE B 245 -33.96 -10.79 28.92
CA ILE B 245 -34.47 -9.99 30.03
C ILE B 245 -33.33 -9.26 30.74
N THR B 246 -32.21 -9.96 30.91
CA THR B 246 -31.02 -9.37 31.53
C THR B 246 -30.51 -8.19 30.72
N LEU B 247 -30.49 -8.36 29.41
CA LEU B 247 -30.03 -7.31 28.51
C LEU B 247 -30.96 -6.09 28.58
N LYS B 248 -32.27 -6.37 28.56
CA LYS B 248 -33.28 -5.33 28.69
C LYS B 248 -33.10 -4.52 29.97
N SER B 249 -32.95 -5.23 31.09
CA SER B 249 -32.72 -4.60 32.38
C SER B 249 -31.45 -3.76 32.37
N TYR B 250 -30.38 -4.30 31.79
CA TYR B 250 -29.14 -3.55 31.68
C TYR B 250 -29.35 -2.25 30.93
N ILE B 251 -30.12 -2.32 29.84
CA ILE B 251 -30.41 -1.14 29.04
C ILE B 251 -31.18 -0.10 29.86
N GLU B 252 -32.15 -0.55 30.63
CA GLU B 252 -32.95 0.40 31.42
C GLU B 252 -32.27 0.84 32.72
N CYS B 253 -31.10 0.28 33.02
CA CYS B 253 -30.42 0.61 34.27
C CYS B 253 -29.09 1.39 34.13
N ASN B 254 -28.27 1.02 33.13
CA ASN B 254 -26.97 1.67 32.95
C ASN B 254 -26.91 2.62 31.74
N ARG B 255 -28.08 3.00 31.23
CA ARG B 255 -28.18 4.03 30.20
C ARG B 255 -29.14 5.09 30.70
N PRO B 256 -28.90 6.37 30.36
CA PRO B 256 -29.65 7.54 30.82
C PRO B 256 -31.16 7.35 30.99
N GLN B 257 -31.86 7.02 29.90
CA GLN B 257 -33.32 6.93 29.91
C GLN B 257 -33.95 8.31 30.13
N PRO B 258 -34.85 8.70 29.21
CA PRO B 258 -35.39 7.93 28.10
C PRO B 258 -34.55 8.06 26.83
N ALA B 259 -33.27 8.38 26.99
CA ALA B 259 -32.37 8.52 25.85
C ALA B 259 -32.17 7.19 25.14
N HIS B 260 -32.11 6.11 25.92
CA HIS B 260 -31.85 4.78 25.36
C HIS B 260 -32.96 3.80 25.75
N ARG B 261 -34.18 4.13 25.34
CA ARG B 261 -35.34 3.30 25.64
C ARG B 261 -35.64 2.34 24.49
N PHE B 262 -35.47 2.83 23.26
CA PHE B 262 -35.71 2.02 22.08
C PHE B 262 -34.43 1.29 21.68
N LEU B 263 -33.44 1.32 22.56
CA LEU B 263 -32.15 0.68 22.29
C LEU B 263 -32.29 -0.83 22.18
N PHE B 264 -33.01 -1.43 23.14
CA PHE B 264 -33.28 -2.86 23.12
C PHE B 264 -33.98 -3.27 21.83
N LEU B 265 -34.83 -2.38 21.33
CA LEU B 265 -35.58 -2.61 20.09
C LEU B 265 -34.64 -2.67 18.90
N LYS B 266 -33.74 -1.69 18.79
CA LYS B 266 -32.77 -1.66 17.69
C LYS B 266 -31.83 -2.85 17.75
N ILE B 267 -31.48 -3.26 18.97
CA ILE B 267 -30.67 -4.46 19.18
C ILE B 267 -31.42 -5.70 18.69
N MET B 268 -32.70 -5.80 19.00
CA MET B 268 -33.50 -6.94 18.55
C MET B 268 -33.67 -6.93 17.03
N ALA B 269 -33.67 -5.73 16.45
CA ALA B 269 -33.71 -5.59 15.01
C ALA B 269 -32.41 -6.10 14.41
N MET B 270 -31.30 -5.89 15.12
CA MET B 270 -30.00 -6.40 14.69
C MET B 270 -29.94 -7.93 14.78
N LEU B 271 -30.45 -8.47 15.88
CA LEU B 271 -30.50 -9.91 16.05
C LEU B 271 -31.44 -10.54 15.02
N THR B 272 -32.38 -9.73 14.54
CA THR B 272 -33.32 -10.17 13.53
C THR B 272 -32.68 -10.22 12.14
N GLU B 273 -32.03 -9.12 11.76
CA GLU B 273 -31.38 -9.05 10.46
C GLU B 273 -30.20 -10.02 10.36
N LEU B 274 -29.58 -10.29 11.51
CA LEU B 274 -28.43 -11.17 11.57
C LEU B 274 -28.78 -12.59 11.10
N ARG B 275 -30.06 -12.94 11.20
CA ARG B 275 -30.54 -14.23 10.70
C ARG B 275 -30.49 -14.26 9.17
N SER B 276 -31.10 -13.24 8.56
CA SER B 276 -31.10 -13.07 7.11
C SER B 276 -29.67 -13.10 6.58
N ILE B 277 -28.79 -12.38 7.27
CA ILE B 277 -27.38 -12.31 6.90
C ILE B 277 -26.72 -13.68 7.02
N ASN B 278 -27.01 -14.40 8.10
CA ASN B 278 -26.48 -15.74 8.29
C ASN B 278 -26.82 -16.66 7.13
N ALA B 279 -28.10 -16.71 6.79
CA ALA B 279 -28.58 -17.55 5.70
C ALA B 279 -28.00 -17.14 4.34
N GLN B 280 -28.12 -15.86 4.02
CA GLN B 280 -27.62 -15.27 2.78
C GLN B 280 -26.15 -15.59 2.56
N HIS B 281 -25.36 -15.34 3.59
CA HIS B 281 -23.96 -15.73 3.61
C HIS B 281 -23.85 -17.20 3.27
N THR B 282 -24.42 -18.05 4.12
CA THR B 282 -24.32 -19.50 3.94
C THR B 282 -24.49 -19.91 2.47
N GLN B 283 -25.63 -19.54 1.88
CA GLN B 283 -25.91 -19.88 0.50
C GLN B 283 -24.86 -19.31 -0.47
N ARG B 284 -24.46 -18.07 -0.24
CA ARG B 284 -23.43 -17.42 -1.07
C ARG B 284 -22.09 -18.17 -1.05
N LEU B 285 -21.60 -18.43 0.15
CA LEU B 285 -20.36 -19.17 0.35
C LEU B 285 -20.45 -20.56 -0.28
N LEU B 286 -21.63 -21.16 -0.23
CA LEU B 286 -21.85 -22.43 -0.92
C LEU B 286 -21.64 -22.26 -2.42
N ARG B 287 -22.26 -21.23 -2.98
CA ARG B 287 -22.15 -20.97 -4.43
C ARG B 287 -20.72 -20.63 -4.86
N ILE B 288 -19.92 -20.10 -3.94
CA ILE B 288 -18.51 -19.84 -4.24
C ILE B 288 -17.70 -21.13 -4.15
N GLN B 289 -17.95 -21.91 -3.12
CA GLN B 289 -17.26 -23.17 -2.87
C GLN B 289 -17.51 -24.19 -3.98
N ASP B 290 -18.68 -24.11 -4.60
CA ASP B 290 -19.07 -25.09 -5.61
C ASP B 290 -18.19 -25.03 -6.86
N ILE B 291 -17.78 -23.82 -7.24
CA ILE B 291 -16.97 -23.66 -8.44
C ILE B 291 -15.51 -23.36 -8.11
N HIS B 292 -15.24 -23.08 -6.84
CA HIS B 292 -13.89 -22.72 -6.42
C HIS B 292 -13.66 -23.05 -4.94
N PRO B 293 -13.31 -24.32 -4.65
CA PRO B 293 -13.07 -24.79 -3.29
C PRO B 293 -12.01 -23.96 -2.55
N PHE B 294 -12.35 -23.46 -1.37
CA PHE B 294 -11.41 -22.66 -0.59
C PHE B 294 -11.63 -22.82 0.92
N ALA B 295 -12.83 -23.21 1.31
CA ALA B 295 -13.21 -23.31 2.72
C ALA B 295 -12.38 -24.32 3.51
N THR B 296 -12.00 -23.96 4.72
CA THR B 296 -11.26 -24.85 5.59
C THR B 296 -12.19 -25.95 6.08
N PRO B 297 -11.64 -27.11 6.47
CA PRO B 297 -12.44 -28.22 7.01
C PRO B 297 -13.41 -27.79 8.11
N LEU B 298 -13.00 -26.86 8.96
CA LEU B 298 -13.88 -26.37 10.03
C LEU B 298 -15.09 -25.64 9.45
N MET B 299 -14.83 -24.80 8.46
CA MET B 299 -15.90 -24.10 7.76
C MET B 299 -16.80 -25.10 7.05
N GLN B 300 -16.19 -26.14 6.49
CA GLN B 300 -16.93 -27.20 5.81
C GLN B 300 -17.89 -27.90 6.76
N GLU B 301 -17.43 -28.15 7.98
CA GLU B 301 -18.29 -28.77 8.99
C GLU B 301 -19.40 -27.83 9.45
N LEU B 302 -19.01 -26.59 9.75
CA LEU B 302 -19.97 -25.60 10.26
C LEU B 302 -21.08 -25.31 9.28
N PHE B 303 -20.79 -25.38 7.99
CA PHE B 303 -21.76 -24.98 6.97
C PHE B 303 -22.29 -26.13 6.12
N GLY B 304 -21.95 -27.36 6.52
CA GLY B 304 -22.45 -28.54 5.83
C GLY B 304 -21.94 -28.75 4.42
N ILE B 305 -20.63 -28.67 4.23
CA ILE B 305 -20.03 -28.92 2.92
C ILE B 305 -19.43 -30.32 2.81
N THR B 306 -19.96 -31.11 1.87
CA THR B 306 -19.48 -32.47 1.61
C THR B 306 -19.52 -33.36 2.86
N SER B 317 -26.04 -41.24 8.31
CA SER B 317 -25.64 -39.96 8.90
C SER B 317 -25.66 -39.91 10.42
N SER B 318 -24.85 -39.00 10.97
CA SER B 318 -24.77 -38.78 12.42
C SER B 318 -24.22 -37.38 12.71
N LEU B 319 -24.40 -36.92 13.96
CA LEU B 319 -24.04 -35.56 14.35
C LEU B 319 -22.54 -35.35 14.60
N THR B 320 -21.99 -36.14 15.53
CA THR B 320 -20.58 -36.04 15.90
C THR B 320 -19.68 -36.49 14.75
N GLU B 321 -20.12 -37.52 14.03
CA GLU B 321 -19.37 -38.04 12.91
C GLU B 321 -19.19 -36.95 11.84
N ARG B 322 -20.26 -36.18 11.64
CA ARG B 322 -20.28 -35.10 10.66
C ARG B 322 -19.42 -33.90 11.08
N HIS B 323 -19.19 -33.76 12.38
CA HIS B 323 -18.44 -32.62 12.90
C HIS B 323 -17.30 -33.03 13.82
N LYS B 324 -16.39 -33.84 13.29
CA LYS B 324 -15.27 -34.36 14.07
C LYS B 324 -14.43 -33.27 14.70
N ILE B 325 -14.09 -32.26 13.91
CA ILE B 325 -13.25 -31.16 14.39
C ILE B 325 -13.93 -30.34 15.49
N LEU B 326 -15.18 -29.95 15.25
CA LEU B 326 -15.96 -29.17 16.22
C LEU B 326 -16.11 -29.96 17.51
N HIS B 327 -16.59 -31.19 17.37
CA HIS B 327 -16.75 -32.11 18.48
C HIS B 327 -15.47 -32.22 19.29
N ARG B 328 -14.35 -32.34 18.59
CA ARG B 328 -13.04 -32.49 19.21
C ARG B 328 -12.63 -31.22 19.95
N LEU B 329 -12.96 -30.06 19.39
CA LEU B 329 -12.65 -28.78 20.03
C LEU B 329 -13.51 -28.56 21.27
N LEU B 330 -14.67 -29.22 21.32
CA LEU B 330 -15.57 -29.07 22.46
C LEU B 330 -15.23 -29.97 23.64
N GLN B 331 -14.03 -30.56 23.65
CA GLN B 331 -13.58 -31.37 24.77
C GLN B 331 -12.22 -30.91 25.28
N GLU B 332 -11.73 -31.49 26.36
CA GLU B 332 -10.42 -31.12 26.91
C GLU B 332 -9.77 -32.24 27.71
N GLY B 333 -8.51 -32.54 27.40
CA GLY B 333 -7.76 -31.85 26.36
C GLY B 333 -6.48 -32.59 26.01
N SER B 334 -6.18 -32.66 24.71
CA SER B 334 -5.04 -33.46 24.24
C SER B 334 -3.65 -32.95 24.64
N PRO B 335 -3.37 -31.64 24.45
CA PRO B 335 -2.06 -31.19 24.92
C PRO B 335 -2.15 -30.33 26.18
N ASN C 1 -48.55 5.46 23.62
CA ASN C 1 -49.76 6.12 24.11
C ASN C 1 -50.77 6.38 22.99
N GLU C 2 -51.31 7.60 22.94
CA GLU C 2 -52.48 7.90 22.11
C GLU C 2 -52.27 7.99 20.59
N ASP C 3 -51.03 8.18 20.15
CA ASP C 3 -50.78 8.25 18.73
C ASP C 3 -50.77 6.85 18.10
N MET C 4 -50.45 5.85 18.92
CA MET C 4 -50.48 4.47 18.49
C MET C 4 -51.33 3.66 19.45
N PRO C 5 -52.66 3.75 19.31
CA PRO C 5 -53.58 3.07 20.24
C PRO C 5 -53.51 1.56 20.10
N VAL C 6 -53.27 0.87 21.21
CA VAL C 6 -53.16 -0.59 21.21
C VAL C 6 -54.49 -1.22 20.85
N GLU C 7 -55.58 -0.57 21.25
CA GLU C 7 -56.92 -1.07 20.98
C GLU C 7 -57.27 -0.91 19.50
N ARG C 8 -56.66 0.09 18.87
CA ARG C 8 -56.81 0.31 17.44
C ARG C 8 -56.21 -0.85 16.67
N ILE C 9 -55.07 -1.34 17.16
CA ILE C 9 -54.40 -2.48 16.54
C ILE C 9 -55.17 -3.76 16.83
N LEU C 10 -55.69 -3.87 18.05
CA LEU C 10 -56.51 -5.02 18.44
C LEU C 10 -57.74 -5.16 17.55
N GLU C 11 -58.45 -4.05 17.35
CA GLU C 11 -59.62 -4.06 16.48
C GLU C 11 -59.19 -4.23 15.02
N ALA C 12 -57.98 -3.77 14.69
CA ALA C 12 -57.41 -4.03 13.37
C ALA C 12 -57.27 -5.54 13.15
N GLU C 13 -56.97 -6.24 14.23
CA GLU C 13 -56.84 -7.69 14.21
C GLU C 13 -58.18 -8.41 14.28
N LEU C 14 -59.18 -7.75 14.85
CA LEU C 14 -60.50 -8.37 15.02
C LEU C 14 -61.42 -8.14 13.83
N ALA C 15 -61.28 -6.98 13.19
CA ALA C 15 -62.10 -6.65 12.03
C ALA C 15 -61.63 -7.40 10.79
N VAL C 16 -60.59 -8.20 10.95
CA VAL C 16 -59.95 -8.86 9.82
C VAL C 16 -60.16 -10.38 9.87
N GLU C 17 -60.24 -10.93 11.06
CA GLU C 17 -60.57 -12.35 11.25
C GLU C 17 -61.21 -12.62 12.61
N PRO C 18 -62.54 -12.59 12.65
CA PRO C 18 -63.34 -13.00 13.82
C PRO C 18 -63.25 -14.51 14.01
N LYS C 19 -63.54 -15.28 12.96
CA LYS C 19 -63.53 -16.73 13.04
C LYS C 19 -62.94 -17.36 11.78
N PRO C 35 -59.00 -36.98 -3.73
CA PRO C 35 -57.73 -36.70 -3.07
C PRO C 35 -57.41 -35.20 -3.00
N ASN C 36 -56.65 -34.79 -2.00
CA ASN C 36 -56.19 -33.39 -1.91
C ASN C 36 -54.67 -33.25 -1.83
N ASP C 37 -54.18 -32.04 -2.03
CA ASP C 37 -52.75 -31.75 -1.95
C ASP C 37 -52.48 -30.54 -1.07
N PRO C 38 -51.73 -30.74 0.02
CA PRO C 38 -51.49 -29.71 1.04
C PRO C 38 -50.74 -28.48 0.53
N VAL C 39 -49.83 -28.65 -0.41
CA VAL C 39 -49.06 -27.52 -0.91
C VAL C 39 -50.02 -26.54 -1.59
N THR C 40 -50.88 -27.08 -2.44
CA THR C 40 -51.90 -26.29 -3.10
C THR C 40 -52.69 -25.51 -2.05
N ASN C 41 -53.16 -26.23 -1.04
CA ASN C 41 -53.93 -25.65 0.04
C ASN C 41 -53.26 -24.48 0.74
N ILE C 42 -52.05 -24.69 1.25
CA ILE C 42 -51.28 -23.65 1.90
C ILE C 42 -51.12 -22.46 0.97
N CYS C 43 -50.96 -22.76 -0.33
CA CYS C 43 -50.85 -21.69 -1.29
C CYS C 43 -52.14 -20.87 -1.40
N GLN C 44 -53.26 -21.47 -1.79
CA GLN C 44 -54.51 -20.70 -1.90
C GLN C 44 -54.92 -20.06 -0.57
N ALA C 45 -54.37 -20.59 0.53
CA ALA C 45 -54.59 -20.03 1.85
C ALA C 45 -53.81 -18.74 2.03
N ALA C 46 -52.52 -18.76 1.72
CA ALA C 46 -51.68 -17.56 1.77
C ALA C 46 -52.25 -16.49 0.84
N ASP C 47 -52.60 -16.93 -0.36
CA ASP C 47 -53.22 -16.09 -1.39
C ASP C 47 -54.48 -15.43 -0.85
N LYS C 48 -55.33 -16.22 -0.22
CA LYS C 48 -56.57 -15.74 0.39
C LYS C 48 -56.27 -14.72 1.47
N GLN C 49 -55.22 -14.97 2.24
CA GLN C 49 -54.87 -14.14 3.38
C GLN C 49 -54.04 -12.92 3.02
N LEU C 50 -53.68 -12.77 1.74
CA LEU C 50 -52.91 -11.62 1.30
C LEU C 50 -53.76 -10.34 1.18
N PHE C 51 -54.93 -10.43 0.56
CA PHE C 51 -55.84 -9.30 0.46
C PHE C 51 -56.24 -8.88 1.87
N THR C 52 -56.66 -9.89 2.63
CA THR C 52 -56.93 -9.79 4.05
C THR C 52 -55.81 -9.03 4.77
N LEU C 53 -54.58 -9.40 4.44
CA LEU C 53 -53.40 -8.76 5.01
C LEU C 53 -53.31 -7.29 4.61
N VAL C 54 -53.70 -6.97 3.39
CA VAL C 54 -53.68 -5.59 2.93
C VAL C 54 -54.71 -4.75 3.70
N GLU C 55 -55.86 -5.36 3.97
CA GLU C 55 -56.92 -4.72 4.73
C GLU C 55 -56.41 -4.41 6.13
N TRP C 56 -55.89 -5.45 6.77
CA TRP C 56 -55.29 -5.33 8.10
C TRP C 56 -54.25 -4.21 8.16
N ALA C 57 -53.36 -4.19 7.16
CA ALA C 57 -52.29 -3.21 7.10
C ALA C 57 -52.87 -1.81 7.01
N LYS C 58 -53.89 -1.66 6.16
CA LYS C 58 -54.61 -0.40 6.00
C LYS C 58 -55.36 -0.02 7.29
N ARG C 59 -55.50 -0.98 8.21
CA ARG C 59 -56.09 -0.67 9.52
C ARG C 59 -55.14 -0.14 10.60
N ILE C 60 -53.85 -0.07 10.29
CA ILE C 60 -52.87 0.46 11.24
C ILE C 60 -52.81 1.99 11.13
N PRO C 61 -52.78 2.67 12.28
CA PRO C 61 -52.55 4.13 12.31
C PRO C 61 -51.33 4.51 11.50
N HIS C 62 -51.46 5.55 10.67
CA HIS C 62 -50.33 6.14 9.95
C HIS C 62 -49.67 5.23 8.91
N PHE C 63 -50.27 4.08 8.63
CA PHE C 63 -49.69 3.20 7.62
C PHE C 63 -49.91 3.76 6.22
N SER C 64 -50.87 4.65 6.08
CA SER C 64 -51.51 4.91 4.79
C SER C 64 -51.29 6.32 4.21
N GLU C 65 -50.98 7.29 5.07
CA GLU C 65 -50.56 8.62 4.63
C GLU C 65 -49.11 8.50 4.15
N LEU C 66 -48.52 7.35 4.47
CA LEU C 66 -47.20 6.98 3.98
C LEU C 66 -47.19 6.97 2.46
N PRO C 67 -46.02 7.26 1.86
CA PRO C 67 -45.85 7.10 0.41
C PRO C 67 -46.20 5.67 0.01
N LEU C 68 -47.07 5.53 -0.98
CA LEU C 68 -47.57 4.23 -1.40
C LEU C 68 -46.45 3.25 -1.73
N ASP C 69 -45.38 3.78 -2.31
CA ASP C 69 -44.19 3.00 -2.64
C ASP C 69 -43.63 2.33 -1.40
N ASP C 70 -43.42 3.12 -0.35
CA ASP C 70 -42.92 2.61 0.93
C ASP C 70 -43.85 1.56 1.52
N GLN C 71 -45.15 1.77 1.33
CA GLN C 71 -46.14 0.81 1.80
C GLN C 71 -45.98 -0.54 1.09
N VAL C 72 -45.94 -0.51 -0.24
CA VAL C 72 -45.81 -1.76 -0.99
C VAL C 72 -44.47 -2.44 -0.68
N ILE C 73 -43.44 -1.65 -0.40
CA ILE C 73 -42.15 -2.20 0.02
C ILE C 73 -42.27 -2.94 1.36
N LEU C 74 -42.88 -2.28 2.33
CA LEU C 74 -43.09 -2.86 3.66
C LEU C 74 -43.87 -4.18 3.57
N LEU C 75 -44.97 -4.15 2.82
CA LEU C 75 -45.80 -5.34 2.66
C LEU C 75 -45.03 -6.46 1.95
N ARG C 76 -44.34 -6.11 0.87
CA ARG C 76 -43.54 -7.09 0.12
C ARG C 76 -42.42 -7.67 0.98
N ALA C 77 -42.01 -6.93 2.00
CA ALA C 77 -40.93 -7.39 2.87
C ALA C 77 -41.43 -8.27 4.01
N GLY C 78 -42.59 -7.95 4.57
CA GLY C 78 -43.05 -8.61 5.77
C GLY C 78 -44.20 -9.60 5.64
N TRP C 79 -44.82 -9.64 4.46
CA TRP C 79 -46.05 -10.40 4.26
C TRP C 79 -46.03 -11.82 4.81
N ASN C 80 -44.98 -12.56 4.50
CA ASN C 80 -44.89 -13.94 4.97
C ASN C 80 -44.74 -14.04 6.49
N GLU C 81 -43.97 -13.15 7.11
CA GLU C 81 -43.89 -13.14 8.56
C GLU C 81 -45.25 -12.86 9.17
N LEU C 82 -45.97 -11.91 8.58
CA LEU C 82 -47.30 -11.55 9.06
C LEU C 82 -48.25 -12.74 9.00
N LEU C 83 -48.31 -13.39 7.85
CA LEU C 83 -49.18 -14.54 7.66
C LEU C 83 -48.80 -15.69 8.58
N ILE C 84 -47.51 -15.97 8.68
CA ILE C 84 -47.01 -17.05 9.52
C ILE C 84 -47.37 -16.84 10.98
N ALA C 85 -47.11 -15.64 11.47
CA ALA C 85 -47.46 -15.27 12.84
C ALA C 85 -48.96 -15.45 13.05
N SER C 86 -49.74 -15.00 12.06
CA SER C 86 -51.18 -15.13 12.12
C SER C 86 -51.70 -16.57 12.24
N PHE C 87 -51.32 -17.45 11.32
CA PHE C 87 -51.80 -18.83 11.41
C PHE C 87 -51.17 -19.62 12.57
N SER C 88 -49.97 -19.22 12.98
CA SER C 88 -49.34 -19.83 14.14
C SER C 88 -50.16 -19.51 15.38
N HIS C 89 -50.61 -18.26 15.46
CA HIS C 89 -51.48 -17.86 16.56
C HIS C 89 -52.82 -18.56 16.45
N ARG C 90 -53.32 -18.72 15.23
CA ARG C 90 -54.61 -19.35 14.99
C ARG C 90 -54.64 -20.81 15.42
N SER C 91 -53.57 -21.53 15.10
CA SER C 91 -53.48 -22.97 15.37
C SER C 91 -53.34 -23.26 16.85
N ILE C 92 -53.41 -22.19 17.66
CA ILE C 92 -53.35 -22.31 19.11
C ILE C 92 -54.47 -23.20 19.64
N ALA C 93 -55.67 -22.96 19.13
CA ALA C 93 -56.86 -23.65 19.62
C ALA C 93 -56.73 -25.14 19.39
N VAL C 94 -56.35 -25.51 18.17
CA VAL C 94 -56.18 -26.89 17.77
C VAL C 94 -55.01 -27.51 18.54
N LYS C 95 -55.05 -28.83 18.69
CA LYS C 95 -53.92 -29.54 19.30
C LYS C 95 -52.77 -29.63 18.29
N ASP C 96 -52.39 -30.84 17.89
CA ASP C 96 -51.36 -31.07 16.88
C ASP C 96 -51.78 -30.46 15.56
N GLY C 97 -50.81 -30.10 14.73
CA GLY C 97 -51.10 -29.60 13.39
C GLY C 97 -51.28 -28.10 13.30
N ILE C 98 -51.60 -27.59 12.11
CA ILE C 98 -51.77 -26.17 11.88
C ILE C 98 -53.13 -25.85 11.27
N LEU C 99 -53.88 -24.94 11.88
CA LEU C 99 -55.19 -24.56 11.34
C LEU C 99 -55.09 -23.37 10.39
N LEU C 100 -55.76 -23.47 9.25
CA LEU C 100 -55.71 -22.42 8.25
C LEU C 100 -56.90 -21.47 8.29
N ALA C 101 -56.84 -20.44 7.46
CA ALA C 101 -57.92 -19.48 7.33
C ALA C 101 -59.03 -20.04 6.44
N THR C 102 -58.70 -21.09 5.69
CA THR C 102 -59.67 -21.77 4.85
C THR C 102 -60.36 -22.88 5.62
N GLY C 103 -60.14 -22.93 6.92
CA GLY C 103 -60.73 -23.94 7.77
C GLY C 103 -60.05 -25.30 7.64
N LEU C 104 -58.88 -25.30 7.01
CA LEU C 104 -58.13 -26.54 6.82
C LEU C 104 -57.19 -26.84 7.98
N HIS C 105 -57.09 -28.12 8.33
CA HIS C 105 -56.31 -28.56 9.47
C HIS C 105 -55.18 -29.48 9.01
N VAL C 106 -54.04 -28.89 8.67
CA VAL C 106 -52.89 -29.63 8.17
C VAL C 106 -52.09 -30.26 9.31
N HIS C 107 -51.72 -31.53 9.15
CA HIS C 107 -51.04 -32.26 10.22
C HIS C 107 -49.61 -32.64 9.90
N ARG C 108 -48.97 -33.31 10.84
CA ARG C 108 -47.54 -33.62 10.74
C ARG C 108 -47.25 -34.51 9.54
N ASN C 109 -47.77 -35.74 9.56
CA ASN C 109 -47.55 -36.72 8.50
C ASN C 109 -47.71 -36.15 7.09
N SER C 110 -48.74 -35.34 6.91
CA SER C 110 -49.03 -34.72 5.62
C SER C 110 -47.94 -33.72 5.25
N ALA C 111 -47.47 -32.98 6.25
CA ALA C 111 -46.46 -31.95 6.05
C ALA C 111 -45.11 -32.58 5.71
N HIS C 112 -44.80 -33.70 6.35
CA HIS C 112 -43.56 -34.42 6.09
C HIS C 112 -43.62 -35.11 4.74
N SER C 113 -44.81 -35.57 4.36
CA SER C 113 -45.02 -36.19 3.06
C SER C 113 -44.93 -35.15 1.96
N ALA C 114 -45.26 -33.91 2.30
CA ALA C 114 -45.22 -32.81 1.35
C ALA C 114 -43.81 -32.26 1.18
N GLY C 115 -42.93 -32.63 2.12
CA GLY C 115 -41.54 -32.20 2.05
C GLY C 115 -41.31 -30.93 2.85
N VAL C 116 -42.34 -30.49 3.57
CA VAL C 116 -42.24 -29.30 4.40
C VAL C 116 -42.34 -29.66 5.88
N GLY C 117 -41.92 -30.87 6.22
CA GLY C 117 -41.99 -31.33 7.59
C GLY C 117 -41.15 -30.54 8.57
N ALA C 118 -39.90 -30.28 8.21
CA ALA C 118 -38.97 -29.57 9.07
C ALA C 118 -39.49 -28.20 9.49
N ILE C 119 -39.79 -27.36 8.49
CA ILE C 119 -40.29 -26.01 8.74
C ILE C 119 -41.61 -26.06 9.52
N PHE C 120 -42.37 -27.12 9.31
CA PHE C 120 -43.63 -27.36 10.02
C PHE C 120 -43.37 -27.56 11.51
N ASP C 121 -42.42 -28.45 11.82
CA ASP C 121 -42.04 -28.73 13.21
C ASP C 121 -41.49 -27.48 13.87
N ARG C 122 -40.69 -26.74 13.12
CA ARG C 122 -40.10 -25.49 13.61
C ARG C 122 -41.20 -24.49 13.98
N VAL C 123 -42.13 -24.25 13.06
CA VAL C 123 -43.24 -23.35 13.32
C VAL C 123 -44.05 -23.82 14.53
N LEU C 124 -44.23 -25.14 14.64
CA LEU C 124 -44.92 -25.72 15.78
C LEU C 124 -44.26 -25.38 17.12
N THR C 125 -43.03 -25.83 17.31
CA THR C 125 -42.38 -25.73 18.61
C THR C 125 -41.85 -24.33 18.94
N GLU C 126 -41.61 -23.52 17.91
CA GLU C 126 -41.03 -22.20 18.13
C GLU C 126 -42.07 -21.09 18.24
N LEU C 127 -43.25 -21.31 17.67
CA LEU C 127 -44.28 -20.29 17.64
C LEU C 127 -45.56 -20.75 18.33
N VAL C 128 -46.17 -21.79 17.78
CA VAL C 128 -47.43 -22.31 18.31
C VAL C 128 -47.35 -22.68 19.80
N SER C 129 -46.30 -23.41 20.17
CA SER C 129 -46.10 -23.80 21.56
C SER C 129 -45.77 -22.60 22.44
N LYS C 130 -44.95 -21.70 21.91
CA LYS C 130 -44.57 -20.50 22.65
C LYS C 130 -45.80 -19.60 22.88
N MET C 131 -46.62 -19.46 21.84
CA MET C 131 -47.87 -18.72 21.99
C MET C 131 -48.82 -19.47 22.94
N ARG C 132 -48.67 -20.79 23.03
CA ARG C 132 -49.52 -21.58 23.91
CA ARG C 132 -49.52 -21.60 23.91
C ARG C 132 -49.20 -21.32 25.36
N ASP C 133 -47.97 -21.60 25.76
CA ASP C 133 -47.55 -21.46 27.14
C ASP C 133 -47.61 -20.01 27.63
N MET C 134 -47.15 -19.10 26.78
CA MET C 134 -47.07 -17.70 27.14
C MET C 134 -48.47 -17.06 27.15
N GLN C 135 -49.43 -17.77 26.57
CA GLN C 135 -50.82 -17.33 26.53
C GLN C 135 -50.95 -15.98 25.83
N MET C 136 -50.28 -15.84 24.68
CA MET C 136 -50.28 -14.59 23.93
C MET C 136 -51.68 -14.21 23.46
N ASP C 137 -52.03 -12.94 23.62
CA ASP C 137 -53.33 -12.47 23.15
C ASP C 137 -53.23 -11.80 21.79
N LYS C 138 -54.38 -11.44 21.22
CA LYS C 138 -54.44 -10.95 19.85
C LYS C 138 -54.01 -9.49 19.77
N THR C 139 -54.04 -8.80 20.90
CA THR C 139 -53.57 -7.43 20.96
C THR C 139 -52.07 -7.43 20.74
N GLU C 140 -51.38 -8.29 21.49
CA GLU C 140 -49.94 -8.43 21.41
C GLU C 140 -49.51 -9.01 20.07
N LEU C 141 -50.31 -9.93 19.54
CA LEU C 141 -50.08 -10.47 18.22
C LEU C 141 -50.11 -9.33 17.21
N GLY C 142 -51.14 -8.50 17.30
CA GLY C 142 -51.28 -7.35 16.43
C GLY C 142 -50.12 -6.39 16.55
N CYS C 143 -49.64 -6.17 17.77
CA CYS C 143 -48.51 -5.28 17.99
C CYS C 143 -47.21 -5.82 17.41
N LEU C 144 -46.99 -7.12 17.59
CA LEU C 144 -45.79 -7.78 17.07
C LEU C 144 -45.79 -7.74 15.55
N ARG C 145 -46.95 -8.01 14.96
CA ARG C 145 -47.08 -7.96 13.51
C ARG C 145 -46.92 -6.54 13.00
N ALA C 146 -47.33 -5.57 13.81
CA ALA C 146 -47.13 -4.16 13.48
C ALA C 146 -45.65 -3.79 13.53
N ILE C 147 -44.92 -4.45 14.42
CA ILE C 147 -43.48 -4.28 14.53
C ILE C 147 -42.79 -4.85 13.30
N VAL C 148 -43.16 -6.08 12.94
CA VAL C 148 -42.64 -6.72 11.74
C VAL C 148 -42.92 -5.88 10.49
N LEU C 149 -44.15 -5.38 10.38
CA LEU C 149 -44.56 -4.58 9.23
C LEU C 149 -43.73 -3.32 9.10
N PHE C 150 -43.64 -2.57 10.19
CA PHE C 150 -42.85 -1.36 10.21
C PHE C 150 -41.36 -1.70 10.27
N ASN C 151 -40.86 -2.33 9.21
CA ASN C 151 -39.43 -2.56 9.12
C ASN C 151 -38.76 -1.51 8.24
N PRO C 152 -38.07 -0.55 8.89
CA PRO C 152 -37.43 0.63 8.31
C PRO C 152 -36.12 0.31 7.60
N ASP C 153 -35.56 -0.85 7.89
CA ASP C 153 -34.31 -1.27 7.29
C ASP C 153 -34.60 -2.05 6.01
N SER C 154 -35.67 -1.64 5.34
CA SER C 154 -36.05 -2.22 4.06
C SER C 154 -35.55 -1.28 2.97
N LYS C 155 -34.76 -1.81 2.05
CA LYS C 155 -34.17 -0.99 1.01
C LYS C 155 -35.21 -0.42 0.05
N GLY C 156 -34.97 0.80 -0.42
CA GLY C 156 -35.83 1.42 -1.41
C GLY C 156 -36.84 2.40 -0.84
N LEU C 157 -36.84 2.57 0.48
CA LEU C 157 -37.77 3.50 1.11
C LEU C 157 -37.41 4.95 0.80
N SER C 158 -38.42 5.81 0.80
CA SER C 158 -38.22 7.23 0.51
C SER C 158 -38.02 8.01 1.79
N ASN C 159 -38.47 7.42 2.89
CA ASN C 159 -38.35 8.05 4.19
C ASN C 159 -38.49 7.02 5.29
N PRO C 160 -37.39 6.31 5.61
CA PRO C 160 -37.41 5.32 6.68
C PRO C 160 -37.84 5.94 8.01
N ALA C 161 -37.26 7.10 8.33
CA ALA C 161 -37.52 7.86 9.56
C ALA C 161 -38.91 7.67 10.18
N GLU C 162 -39.93 7.89 9.36
CA GLU C 162 -41.32 7.68 9.76
C GLU C 162 -41.53 6.24 10.20
N VAL C 163 -41.06 5.29 9.39
CA VAL C 163 -41.14 3.87 9.73
C VAL C 163 -40.48 3.54 11.08
N GLU C 164 -39.25 4.01 11.32
CA GLU C 164 -38.67 3.72 12.64
C GLU C 164 -39.55 4.28 13.72
N ALA C 165 -39.98 5.52 13.52
CA ALA C 165 -40.75 6.22 14.54
C ALA C 165 -42.02 5.44 14.90
N LEU C 166 -42.74 4.99 13.89
CA LEU C 166 -43.93 4.18 14.05
C LEU C 166 -43.62 2.90 14.82
N ARG C 167 -42.56 2.22 14.39
CA ARG C 167 -42.15 0.98 15.05
C ARG C 167 -41.93 1.23 16.55
N GLU C 168 -41.25 2.33 16.86
CA GLU C 168 -40.97 2.70 18.23
C GLU C 168 -42.25 3.00 18.99
N LYS C 169 -43.21 3.65 18.33
CA LYS C 169 -44.49 3.95 18.96
C LYS C 169 -45.20 2.66 19.36
N VAL C 170 -45.30 1.73 18.41
CA VAL C 170 -45.92 0.43 18.64
C VAL C 170 -45.23 -0.29 19.79
N TYR C 171 -43.90 -0.21 19.80
CA TYR C 171 -43.06 -0.80 20.84
C TYR C 171 -43.42 -0.24 22.23
N ALA C 172 -43.48 1.08 22.33
CA ALA C 172 -43.80 1.75 23.59
C ALA C 172 -45.20 1.38 24.08
N SER C 173 -46.17 1.47 23.17
CA SER C 173 -47.55 1.12 23.48
C SER C 173 -47.65 -0.31 23.99
N LEU C 174 -46.97 -1.23 23.31
CA LEU C 174 -47.01 -2.64 23.67
C LEU C 174 -46.37 -2.87 25.04
N GLU C 175 -45.28 -2.16 25.31
CA GLU C 175 -44.59 -2.31 26.60
C GLU C 175 -45.45 -1.79 27.75
N ALA C 176 -46.12 -0.67 27.52
CA ALA C 176 -47.05 -0.12 28.51
C ALA C 176 -48.19 -1.10 28.73
N TYR C 177 -48.68 -1.68 27.64
CA TYR C 177 -49.76 -2.65 27.67
C TYR C 177 -49.39 -3.86 28.52
N CYS C 178 -48.18 -4.37 28.32
CA CYS C 178 -47.71 -5.55 29.04
C CYS C 178 -47.42 -5.25 30.50
N LYS C 179 -46.85 -4.09 30.78
CA LYS C 179 -46.58 -3.70 32.16
C LYS C 179 -47.88 -3.49 32.94
N HIS C 180 -48.86 -2.90 32.28
CA HIS C 180 -50.16 -2.65 32.91
C HIS C 180 -50.93 -3.96 33.12
N LYS C 181 -51.21 -4.65 32.02
CA LYS C 181 -52.08 -5.82 32.04
C LYS C 181 -51.47 -7.06 32.69
N TYR C 182 -50.15 -7.19 32.64
CA TYR C 182 -49.51 -8.38 33.19
C TYR C 182 -48.43 -8.07 34.24
N PRO C 183 -48.83 -7.50 35.39
CA PRO C 183 -47.84 -7.10 36.41
C PRO C 183 -47.11 -8.29 37.02
N GLU C 184 -47.73 -9.46 36.96
CA GLU C 184 -47.17 -10.66 37.60
C GLU C 184 -45.91 -11.16 36.90
N GLN C 185 -45.84 -10.95 35.59
CA GLN C 185 -44.68 -11.38 34.81
C GLN C 185 -43.96 -10.18 34.19
N PRO C 186 -42.89 -9.72 34.85
CA PRO C 186 -42.13 -8.52 34.47
C PRO C 186 -41.38 -8.67 33.16
N GLY C 187 -41.07 -9.90 32.78
CA GLY C 187 -40.26 -10.14 31.59
C GLY C 187 -41.04 -10.69 30.42
N ARG C 188 -42.30 -10.31 30.30
CA ARG C 188 -43.15 -10.85 29.25
C ARG C 188 -42.96 -10.11 27.91
N PHE C 189 -42.81 -8.80 27.99
CA PHE C 189 -42.60 -7.95 26.81
C PHE C 189 -41.35 -8.38 26.03
N ALA C 190 -40.24 -8.53 26.74
CA ALA C 190 -39.00 -9.00 26.15
C ALA C 190 -39.17 -10.37 25.52
N LYS C 191 -39.99 -11.21 26.14
CA LYS C 191 -40.27 -12.54 25.61
C LYS C 191 -41.07 -12.45 24.32
N LEU C 192 -41.94 -11.45 24.22
CA LEU C 192 -42.71 -11.24 23.00
C LEU C 192 -41.81 -10.72 21.88
N LEU C 193 -40.88 -9.84 22.23
CA LEU C 193 -39.94 -9.32 21.24
C LEU C 193 -38.95 -10.40 20.80
N LEU C 194 -38.75 -11.39 21.68
CA LEU C 194 -37.80 -12.45 21.45
C LEU C 194 -38.28 -13.41 20.36
N ARG C 195 -39.49 -13.18 19.87
CA ARG C 195 -40.10 -14.02 18.85
C ARG C 195 -39.79 -13.53 17.44
N LEU C 196 -39.20 -12.34 17.34
CA LEU C 196 -38.87 -11.75 16.05
C LEU C 196 -37.71 -12.43 15.29
N PRO C 197 -36.60 -12.74 15.98
CA PRO C 197 -35.54 -13.45 15.24
C PRO C 197 -35.98 -14.85 14.84
N ALA C 198 -36.79 -15.49 15.69
CA ALA C 198 -37.31 -16.82 15.40
C ALA C 198 -38.24 -16.79 14.20
N LEU C 199 -39.10 -15.78 14.17
CA LEU C 199 -40.07 -15.61 13.08
C LEU C 199 -39.37 -15.25 11.77
N ARG C 200 -38.24 -14.55 11.87
CA ARG C 200 -37.48 -14.15 10.69
C ARG C 200 -36.87 -15.34 9.96
N SER C 201 -36.16 -16.19 10.69
CA SER C 201 -35.52 -17.35 10.11
C SER C 201 -36.54 -18.32 9.52
N ILE C 202 -37.73 -18.33 10.12
CA ILE C 202 -38.83 -19.16 9.66
C ILE C 202 -39.43 -18.61 8.36
N GLY C 203 -39.63 -17.30 8.31
CA GLY C 203 -40.12 -16.65 7.11
C GLY C 203 -39.20 -16.88 5.93
N LEU C 204 -37.90 -16.95 6.22
CA LEU C 204 -36.89 -17.21 5.20
C LEU C 204 -37.05 -18.62 4.63
N LYS C 205 -37.07 -19.60 5.53
CA LYS C 205 -37.18 -21.00 5.18
C LYS C 205 -38.47 -21.32 4.43
N CYS C 206 -39.50 -20.52 4.67
CA CYS C 206 -40.77 -20.68 3.97
C CYS C 206 -40.66 -20.22 2.52
N LEU C 207 -40.12 -19.01 2.33
CA LEU C 207 -39.88 -18.47 1.00
C LEU C 207 -39.03 -19.43 0.17
N GLU C 208 -38.03 -20.03 0.82
CA GLU C 208 -37.13 -20.96 0.16
C GLU C 208 -37.91 -22.14 -0.43
N HIS C 209 -39.01 -22.51 0.22
CA HIS C 209 -39.87 -23.56 -0.30
C HIS C 209 -40.75 -23.04 -1.42
N LEU C 210 -41.28 -21.83 -1.27
CA LEU C 210 -42.15 -21.23 -2.26
C LEU C 210 -41.47 -21.03 -3.62
N PHE C 211 -40.28 -20.43 -3.60
CA PHE C 211 -39.51 -20.25 -4.82
C PHE C 211 -39.22 -21.61 -5.45
N PHE C 212 -38.89 -22.57 -4.60
CA PHE C 212 -38.66 -23.94 -5.03
C PHE C 212 -39.92 -24.52 -5.67
N PHE C 213 -41.08 -24.18 -5.11
CA PHE C 213 -42.36 -24.68 -5.61
C PHE C 213 -42.83 -23.92 -6.85
N LYS C 214 -42.34 -22.69 -7.01
CA LYS C 214 -42.64 -21.89 -8.19
C LYS C 214 -41.92 -22.49 -9.39
N LEU C 215 -40.73 -22.97 -9.13
CA LEU C 215 -39.87 -23.56 -10.15
C LEU C 215 -40.52 -24.75 -10.83
N ILE C 216 -41.11 -25.63 -10.00
CA ILE C 216 -41.58 -26.96 -10.39
C ILE C 216 -42.86 -26.99 -11.22
N GLY C 217 -43.80 -26.12 -10.90
CA GLY C 217 -45.02 -26.01 -11.68
C GLY C 217 -46.17 -26.96 -11.38
N ASP C 218 -45.94 -27.96 -10.53
CA ASP C 218 -46.99 -28.90 -10.16
C ASP C 218 -47.96 -28.35 -9.11
N THR C 219 -47.85 -27.06 -8.81
CA THR C 219 -48.61 -26.49 -7.71
C THR C 219 -49.33 -25.20 -8.16
N PRO C 220 -50.26 -24.67 -7.34
CA PRO C 220 -51.09 -23.64 -7.98
C PRO C 220 -50.33 -22.35 -8.21
N ILE C 221 -50.58 -21.71 -9.34
CA ILE C 221 -49.94 -20.44 -9.64
C ILE C 221 -50.38 -19.39 -8.62
N ASP C 222 -51.70 -19.27 -8.38
CA ASP C 222 -52.26 -18.45 -7.30
C ASP C 222 -52.34 -16.94 -7.55
N THR C 223 -51.63 -16.46 -8.57
CA THR C 223 -51.66 -15.04 -8.99
C THR C 223 -51.21 -13.90 -8.01
N PHE C 224 -51.92 -13.68 -6.91
CA PHE C 224 -51.46 -12.65 -5.96
C PHE C 224 -50.16 -13.12 -5.30
N LEU C 225 -50.15 -14.39 -4.90
CA LEU C 225 -48.98 -15.01 -4.32
C LEU C 225 -47.83 -14.98 -5.33
N MET C 226 -48.14 -15.27 -6.59
CA MET C 226 -47.17 -15.13 -7.68
C MET C 226 -46.55 -13.75 -7.68
N GLU C 227 -47.41 -12.72 -7.68
CA GLU C 227 -46.94 -11.34 -7.65
C GLU C 227 -46.01 -11.08 -6.47
N MET C 228 -46.35 -11.62 -5.31
CA MET C 228 -45.48 -11.49 -4.15
C MET C 228 -44.14 -12.22 -4.37
N LEU C 229 -44.15 -13.24 -5.24
CA LEU C 229 -42.95 -14.03 -5.52
C LEU C 229 -42.17 -13.51 -6.71
N GLU C 230 -41.94 -12.20 -6.77
CA GLU C 230 -41.24 -11.59 -7.89
C GLU C 230 -40.61 -10.25 -7.55
N ALA C 231 -40.19 -9.54 -8.61
CA ALA C 231 -39.72 -8.16 -8.51
C ALA C 231 -40.11 -7.41 -9.79
N HIS C 251 -46.32 -5.90 -7.49
CA HIS C 251 -46.47 -4.61 -8.14
C HIS C 251 -47.95 -4.21 -8.24
N LYS C 252 -48.52 -4.36 -9.42
CA LYS C 252 -49.80 -3.75 -9.78
C LYS C 252 -51.04 -4.19 -9.01
N ILE C 253 -51.16 -5.48 -8.73
CA ILE C 253 -52.26 -5.95 -7.89
C ILE C 253 -52.21 -5.24 -6.53
N LEU C 254 -51.16 -5.52 -5.76
CA LEU C 254 -50.92 -4.83 -4.48
C LEU C 254 -51.11 -3.31 -4.63
N HIS C 255 -50.36 -2.72 -5.56
CA HIS C 255 -50.41 -1.29 -5.85
C HIS C 255 -51.83 -0.74 -5.94
N ARG C 256 -52.72 -1.42 -6.67
CA ARG C 256 -54.10 -0.97 -6.79
C ARG C 256 -54.92 -1.27 -5.55
N LEU C 257 -54.60 -2.37 -4.86
CA LEU C 257 -55.29 -2.71 -3.63
C LEU C 257 -55.08 -1.64 -2.57
N LEU C 258 -53.92 -0.99 -2.62
CA LEU C 258 -53.62 0.11 -1.70
C LEU C 258 -54.31 1.42 -2.07
N GLN C 259 -54.87 1.49 -3.28
CA GLN C 259 -55.50 2.71 -3.78
C GLN C 259 -56.92 2.93 -3.26
N GLU C 260 -57.27 2.26 -2.16
CA GLU C 260 -58.57 2.44 -1.53
C GLU C 260 -58.49 2.18 -0.02
N ASN D 1 29.18 36.45 -25.11
CA ASN D 1 29.40 37.72 -25.78
C ASN D 1 30.40 38.61 -25.06
N GLU D 2 30.14 39.91 -25.07
CA GLU D 2 31.06 40.88 -24.47
C GLU D 2 30.67 41.28 -23.04
N ASP D 3 29.64 40.64 -22.49
CA ASP D 3 29.22 40.92 -21.12
C ASP D 3 30.12 40.19 -20.13
N MET D 4 30.56 38.99 -20.51
CA MET D 4 31.60 38.27 -19.78
C MET D 4 32.82 38.27 -20.70
N PRO D 5 33.61 39.36 -20.67
CA PRO D 5 34.73 39.55 -21.59
C PRO D 5 35.84 38.56 -21.31
N VAL D 6 36.21 37.80 -22.33
CA VAL D 6 37.18 36.73 -22.18
C VAL D 6 38.58 37.29 -21.87
N GLU D 7 38.91 38.43 -22.46
CA GLU D 7 40.19 39.09 -22.23
C GLU D 7 40.36 39.53 -20.78
N ARG D 8 39.24 39.87 -20.14
CA ARG D 8 39.25 40.24 -18.73
C ARG D 8 39.58 39.03 -17.86
N ILE D 9 39.10 37.87 -18.27
CA ILE D 9 39.42 36.63 -17.58
C ILE D 9 40.88 36.29 -17.80
N LEU D 10 41.37 36.56 -19.01
CA LEU D 10 42.77 36.34 -19.33
C LEU D 10 43.69 37.18 -18.45
N GLU D 11 43.40 38.47 -18.33
CA GLU D 11 44.22 39.32 -17.48
C GLU D 11 43.99 39.00 -16.01
N ALA D 12 42.84 38.43 -15.70
CA ALA D 12 42.60 37.92 -14.35
C ALA D 12 43.55 36.76 -14.07
N GLU D 13 43.88 36.02 -15.13
CA GLU D 13 44.86 34.94 -15.03
C GLU D 13 46.28 35.47 -14.96
N LEU D 14 46.53 36.55 -15.70
CA LEU D 14 47.87 37.11 -15.82
C LEU D 14 48.26 37.92 -14.60
N ALA D 15 47.28 38.39 -13.84
CA ALA D 15 47.55 39.24 -12.69
C ALA D 15 48.00 38.42 -11.49
N VAL D 16 47.77 37.11 -11.54
CA VAL D 16 48.01 36.26 -10.37
C VAL D 16 49.16 35.26 -10.53
N GLU D 17 50.15 35.56 -11.37
CA GLU D 17 51.26 34.63 -11.57
C GLU D 17 52.65 35.18 -11.98
N PRO D 18 52.73 35.83 -13.15
CA PRO D 18 53.84 35.77 -14.13
C PRO D 18 55.06 34.96 -13.71
N LYS D 19 55.02 33.65 -13.95
CA LYS D 19 56.20 32.80 -13.74
C LYS D 19 56.13 31.55 -14.62
N PRO D 35 62.55 15.29 -1.85
CA PRO D 35 61.61 14.86 -0.81
C PRO D 35 61.79 15.57 0.53
N ASN D 36 61.83 16.90 0.51
CA ASN D 36 61.77 17.67 1.75
C ASN D 36 60.35 17.58 2.28
N ASP D 37 59.92 16.34 2.56
CA ASP D 37 58.50 16.02 2.73
C ASP D 37 57.70 16.69 1.62
N PRO D 38 57.62 16.04 0.44
CA PRO D 38 56.93 16.66 -0.70
C PRO D 38 55.46 16.94 -0.38
N VAL D 39 54.92 16.24 0.60
CA VAL D 39 53.56 16.48 1.06
C VAL D 39 53.46 17.85 1.73
N THR D 40 54.43 18.16 2.58
CA THR D 40 54.52 19.47 3.20
C THR D 40 54.61 20.52 2.10
N ASN D 41 55.46 20.27 1.12
CA ASN D 41 55.67 21.19 0.01
C ASN D 41 54.38 21.50 -0.74
N ILE D 42 53.62 20.45 -1.04
CA ILE D 42 52.33 20.61 -1.71
C ILE D 42 51.34 21.38 -0.84
N CYS D 43 51.35 21.11 0.46
CA CYS D 43 50.45 21.81 1.39
C CYS D 43 50.78 23.31 1.48
N GLN D 44 52.06 23.63 1.56
CA GLN D 44 52.51 25.01 1.64
CA GLN D 44 52.52 25.01 1.63
C GLN D 44 52.23 25.73 0.33
N ALA D 45 52.40 25.01 -0.78
CA ALA D 45 52.12 25.56 -2.10
C ALA D 45 50.63 25.91 -2.19
N ALA D 46 49.80 24.97 -1.75
CA ALA D 46 48.35 25.15 -1.77
C ALA D 46 47.94 26.36 -0.92
N ASP D 47 48.45 26.39 0.31
CA ASP D 47 48.13 27.48 1.23
C ASP D 47 48.54 28.82 0.63
N LYS D 48 49.75 28.87 0.10
CA LYS D 48 50.26 30.06 -0.59
C LYS D 48 49.34 30.47 -1.73
N GLN D 49 48.78 29.49 -2.42
CA GLN D 49 47.96 29.76 -3.61
C GLN D 49 46.48 29.96 -3.30
N LEU D 50 46.09 29.83 -2.04
CA LEU D 50 44.69 30.03 -1.70
C LEU D 50 44.31 31.51 -1.65
N PHE D 51 45.22 32.34 -1.16
CA PHE D 51 45.02 33.78 -1.13
C PHE D 51 44.99 34.31 -2.58
N THR D 52 45.95 33.83 -3.36
CA THR D 52 46.03 34.11 -4.78
C THR D 52 44.75 33.67 -5.48
N LEU D 53 44.18 32.56 -5.01
CA LEU D 53 42.94 32.04 -5.57
C LEU D 53 41.79 32.99 -5.24
N VAL D 54 41.81 33.54 -4.04
CA VAL D 54 40.81 34.53 -3.65
C VAL D 54 40.90 35.77 -4.56
N GLU D 55 42.12 36.26 -4.77
CA GLU D 55 42.31 37.43 -5.62
C GLU D 55 41.86 37.17 -7.06
N TRP D 56 42.29 36.04 -7.60
CA TRP D 56 41.89 35.61 -8.94
C TRP D 56 40.38 35.56 -9.05
N ALA D 57 39.74 35.01 -8.02
CA ALA D 57 38.29 34.94 -7.96
C ALA D 57 37.68 36.33 -8.05
N LYS D 58 38.17 37.24 -7.21
CA LYS D 58 37.66 38.61 -7.21
C LYS D 58 37.92 39.34 -8.53
N ARG D 59 38.89 38.86 -9.30
CA ARG D 59 39.19 39.46 -10.61
C ARG D 59 38.25 38.99 -11.72
N ILE D 60 37.52 37.90 -11.49
CA ILE D 60 36.54 37.43 -12.45
C ILE D 60 35.28 38.27 -12.37
N PRO D 61 34.81 38.78 -13.53
CA PRO D 61 33.62 39.64 -13.62
C PRO D 61 32.40 39.07 -12.87
N HIS D 62 31.68 39.95 -12.18
CA HIS D 62 30.42 39.62 -11.53
C HIS D 62 30.52 38.72 -10.30
N PHE D 63 31.71 38.15 -10.06
CA PHE D 63 31.92 37.28 -8.91
C PHE D 63 31.75 38.05 -7.61
N SER D 64 32.13 39.32 -7.63
CA SER D 64 32.11 40.15 -6.45
C SER D 64 30.74 40.75 -6.16
N GLU D 65 29.94 40.95 -7.20
CA GLU D 65 28.60 41.50 -7.03
C GLU D 65 27.57 40.42 -6.67
N LEU D 66 28.09 39.28 -6.23
CA LEU D 66 27.26 38.20 -5.68
C LEU D 66 27.22 38.33 -4.16
N PRO D 67 26.22 37.72 -3.51
CA PRO D 67 26.21 37.62 -2.05
C PRO D 67 27.54 37.06 -1.55
N LEU D 68 28.06 37.64 -0.48
CA LEU D 68 29.36 37.27 0.06
C LEU D 68 29.44 35.78 0.40
N ASP D 69 28.39 35.29 1.05
CA ASP D 69 28.33 33.90 1.48
C ASP D 69 28.28 32.95 0.29
N ASP D 70 27.69 33.41 -0.82
CA ASP D 70 27.70 32.63 -2.05
C ASP D 70 29.11 32.52 -2.62
N GLN D 71 29.85 33.62 -2.54
CA GLN D 71 31.25 33.62 -2.96
C GLN D 71 32.03 32.62 -2.12
N VAL D 72 31.83 32.69 -0.81
CA VAL D 72 32.45 31.75 0.13
C VAL D 72 32.15 30.31 -0.26
N ILE D 73 30.89 30.03 -0.52
CA ILE D 73 30.45 28.70 -0.91
C ILE D 73 31.14 28.21 -2.18
N LEU D 74 31.09 29.03 -3.22
CA LEU D 74 31.71 28.69 -4.50
C LEU D 74 33.21 28.41 -4.35
N LEU D 75 33.89 29.26 -3.59
CA LEU D 75 35.32 29.08 -3.37
C LEU D 75 35.62 27.80 -2.58
N ARG D 76 34.83 27.52 -1.55
CA ARG D 76 35.05 26.32 -0.76
C ARG D 76 34.74 25.06 -1.55
N ALA D 77 33.85 25.19 -2.53
CA ALA D 77 33.45 24.04 -3.34
C ALA D 77 34.42 23.80 -4.49
N GLY D 78 35.09 24.86 -4.95
CA GLY D 78 35.91 24.74 -6.14
C GLY D 78 37.42 24.85 -5.98
N TRP D 79 37.87 25.32 -4.82
CA TRP D 79 39.28 25.65 -4.61
C TRP D 79 40.27 24.57 -5.05
N ASN D 80 39.99 23.33 -4.69
CA ASN D 80 40.85 22.22 -5.07
C ASN D 80 40.98 22.07 -6.58
N GLU D 81 39.85 21.96 -7.27
CA GLU D 81 39.86 21.85 -8.74
C GLU D 81 40.55 23.04 -9.38
N LEU D 82 40.32 24.23 -8.85
CA LEU D 82 40.94 25.44 -9.39
C LEU D 82 42.47 25.41 -9.29
N LEU D 83 42.96 25.12 -8.09
CA LEU D 83 44.40 25.02 -7.88
C LEU D 83 45.02 23.92 -8.74
N ILE D 84 44.32 22.80 -8.83
CA ILE D 84 44.76 21.67 -9.63
C ILE D 84 44.91 22.05 -11.10
N ALA D 85 43.88 22.70 -11.64
CA ALA D 85 43.93 23.19 -13.01
C ALA D 85 45.11 24.14 -13.18
N SER D 86 45.28 25.04 -12.21
CA SER D 86 46.39 26.00 -12.23
C SER D 86 47.76 25.34 -12.36
N PHE D 87 48.14 24.50 -11.39
CA PHE D 87 49.47 23.91 -11.45
C PHE D 87 49.62 22.89 -12.58
N SER D 88 48.53 22.24 -12.96
CA SER D 88 48.54 21.34 -14.10
C SER D 88 48.89 22.11 -15.36
N HIS D 89 48.34 23.31 -15.49
CA HIS D 89 48.67 24.14 -16.65
C HIS D 89 50.07 24.74 -16.52
N ARG D 90 50.54 24.94 -15.30
CA ARG D 90 51.91 25.41 -15.11
C ARG D 90 52.94 24.36 -15.50
N SER D 91 52.60 23.10 -15.31
CA SER D 91 53.55 22.02 -15.59
C SER D 91 53.71 21.66 -17.06
N ILE D 92 53.15 22.50 -17.94
CA ILE D 92 53.35 22.33 -19.38
C ILE D 92 54.81 22.58 -19.73
N ALA D 93 55.33 23.69 -19.24
CA ALA D 93 56.69 24.13 -19.54
C ALA D 93 57.73 23.06 -19.24
N VAL D 94 57.59 22.39 -18.11
CA VAL D 94 58.52 21.34 -17.74
C VAL D 94 58.17 20.06 -18.48
N LYS D 95 59.19 19.24 -18.69
CA LYS D 95 59.04 18.01 -19.42
C LYS D 95 58.37 16.94 -18.58
N ASP D 96 58.93 16.71 -17.40
CA ASP D 96 58.47 15.62 -16.56
C ASP D 96 58.40 15.98 -15.09
N GLY D 97 57.19 15.86 -14.54
CA GLY D 97 56.93 16.18 -13.15
C GLY D 97 55.89 17.27 -13.03
N ILE D 98 55.74 17.81 -11.83
CA ILE D 98 54.78 18.88 -11.58
C ILE D 98 55.44 20.09 -10.92
N LEU D 99 55.29 21.25 -11.56
CA LEU D 99 55.90 22.48 -11.09
C LEU D 99 54.98 23.25 -10.14
N LEU D 100 55.38 23.33 -8.87
CA LEU D 100 54.62 24.06 -7.87
C LEU D 100 54.74 25.56 -8.06
N ALA D 101 53.89 26.31 -7.35
CA ALA D 101 53.91 27.77 -7.44
C ALA D 101 55.03 28.36 -6.59
N THR D 102 55.71 27.51 -5.84
CA THR D 102 56.85 27.94 -5.04
C THR D 102 58.15 27.65 -5.79
N GLY D 103 58.05 27.54 -7.11
CA GLY D 103 59.19 27.25 -7.95
C GLY D 103 59.73 25.85 -7.71
N LEU D 104 58.89 24.97 -7.17
CA LEU D 104 59.32 23.64 -6.79
C LEU D 104 58.87 22.56 -7.77
N HIS D 105 59.82 21.73 -8.21
CA HIS D 105 59.57 20.71 -9.21
C HIS D 105 59.45 19.33 -8.58
N VAL D 106 58.21 18.88 -8.37
CA VAL D 106 57.96 17.55 -7.80
C VAL D 106 57.96 16.48 -8.91
N HIS D 107 58.67 15.39 -8.66
CA HIS D 107 58.77 14.32 -9.66
C HIS D 107 58.04 13.04 -9.27
N ARG D 108 58.13 12.05 -10.15
CA ARG D 108 57.41 10.79 -10.00
C ARG D 108 57.85 10.03 -8.76
N ASN D 109 59.15 9.76 -8.69
CA ASN D 109 59.74 8.92 -7.64
C ASN D 109 59.32 9.30 -6.23
N SER D 110 59.41 10.60 -5.92
CA SER D 110 59.04 11.07 -4.59
C SER D 110 57.54 11.05 -4.40
N ALA D 111 56.79 11.23 -5.48
CA ALA D 111 55.33 11.20 -5.43
C ALA D 111 54.84 9.81 -5.06
N HIS D 112 55.45 8.79 -5.65
CA HIS D 112 55.12 7.41 -5.29
C HIS D 112 55.69 7.06 -3.92
N SER D 113 56.83 7.65 -3.58
CA SER D 113 57.43 7.47 -2.27
C SER D 113 56.59 8.15 -1.20
N ALA D 114 55.78 9.11 -1.60
CA ALA D 114 54.94 9.85 -0.66
C ALA D 114 53.55 9.24 -0.55
N GLY D 115 53.29 8.21 -1.35
CA GLY D 115 52.00 7.53 -1.33
C GLY D 115 50.94 8.29 -2.10
N VAL D 116 51.38 9.13 -3.03
CA VAL D 116 50.47 9.90 -3.87
C VAL D 116 50.84 9.74 -5.35
N GLY D 117 51.43 8.61 -5.67
CA GLY D 117 51.89 8.34 -7.03
C GLY D 117 50.78 8.19 -8.04
N ALA D 118 49.72 7.48 -7.67
CA ALA D 118 48.61 7.22 -8.58
C ALA D 118 47.94 8.52 -9.03
N ILE D 119 47.56 9.35 -8.07
CA ILE D 119 46.91 10.63 -8.37
C ILE D 119 47.86 11.55 -9.13
N PHE D 120 49.16 11.42 -8.86
CA PHE D 120 50.19 12.16 -9.58
C PHE D 120 50.15 11.80 -11.07
N ASP D 121 50.26 10.50 -11.35
CA ASP D 121 50.26 9.99 -12.72
C ASP D 121 48.96 10.33 -13.44
N ARG D 122 47.84 10.25 -12.73
CA ARG D 122 46.53 10.57 -13.30
C ARG D 122 46.44 12.06 -13.64
N VAL D 123 46.99 12.90 -12.77
CA VAL D 123 47.05 14.34 -13.04
C VAL D 123 47.91 14.61 -14.28
N LEU D 124 49.04 13.92 -14.38
CA LEU D 124 49.91 14.10 -15.54
C LEU D 124 49.21 13.71 -16.84
N THR D 125 48.64 12.51 -16.87
CA THR D 125 48.05 11.97 -18.09
C THR D 125 46.77 12.69 -18.50
N GLU D 126 45.86 12.87 -17.55
CA GLU D 126 44.56 13.45 -17.86
C GLU D 126 44.59 14.95 -18.06
N LEU D 127 45.44 15.64 -17.31
CA LEU D 127 45.48 17.09 -17.35
C LEU D 127 46.71 17.62 -18.07
N VAL D 128 47.88 17.44 -17.46
CA VAL D 128 49.13 17.98 -17.99
C VAL D 128 49.37 17.57 -19.44
N SER D 129 49.30 16.28 -19.70
CA SER D 129 49.50 15.75 -21.06
C SER D 129 48.47 16.31 -22.03
N LYS D 130 47.21 16.26 -21.64
CA LYS D 130 46.12 16.74 -22.49
C LYS D 130 46.23 18.23 -22.77
N MET D 131 46.44 19.02 -21.72
CA MET D 131 46.64 20.46 -21.88
C MET D 131 47.83 20.74 -22.79
N ARG D 132 48.86 19.91 -22.69
CA ARG D 132 50.05 20.09 -23.52
C ARG D 132 49.78 19.82 -25.00
N ASP D 133 49.21 18.66 -25.31
CA ASP D 133 48.95 18.29 -26.70
C ASP D 133 47.96 19.25 -27.35
N MET D 134 46.93 19.63 -26.58
CA MET D 134 45.85 20.46 -27.09
C MET D 134 46.30 21.91 -27.28
N GLN D 135 47.49 22.23 -26.80
CA GLN D 135 48.06 23.57 -26.88
C GLN D 135 47.14 24.60 -26.20
N MET D 136 46.59 24.21 -25.05
CA MET D 136 45.66 25.07 -24.33
C MET D 136 46.33 26.36 -23.88
N ASP D 137 45.79 27.49 -24.31
CA ASP D 137 46.29 28.78 -23.86
C ASP D 137 45.71 29.13 -22.50
N LYS D 138 45.97 30.35 -22.02
CA LYS D 138 45.61 30.73 -20.66
C LYS D 138 44.24 31.36 -20.53
N THR D 139 43.72 31.91 -21.63
CA THR D 139 42.38 32.48 -21.58
C THR D 139 41.36 31.34 -21.60
N GLU D 140 41.70 30.27 -22.32
CA GLU D 140 40.90 29.05 -22.30
C GLU D 140 40.92 28.43 -20.90
N LEU D 141 42.10 28.36 -20.30
CA LEU D 141 42.26 27.84 -18.94
C LEU D 141 41.47 28.68 -17.95
N GLY D 142 41.52 29.99 -18.12
CA GLY D 142 40.82 30.92 -17.26
C GLY D 142 39.32 30.75 -17.40
N CYS D 143 38.87 30.49 -18.63
CA CYS D 143 37.45 30.26 -18.87
C CYS D 143 36.98 28.95 -18.24
N LEU D 144 37.79 27.91 -18.36
CA LEU D 144 37.48 26.62 -17.76
C LEU D 144 37.39 26.74 -16.24
N ARG D 145 38.40 27.37 -15.64
CA ARG D 145 38.42 27.58 -14.21
C ARG D 145 37.26 28.46 -13.75
N ALA D 146 36.86 29.41 -14.60
CA ALA D 146 35.74 30.27 -14.28
C ALA D 146 34.46 29.44 -14.26
N ILE D 147 34.34 28.54 -15.23
CA ILE D 147 33.20 27.64 -15.31
C ILE D 147 33.13 26.76 -14.06
N VAL D 148 34.27 26.21 -13.67
CA VAL D 148 34.37 25.42 -12.44
C VAL D 148 33.92 26.24 -11.23
N LEU D 149 34.36 27.50 -11.19
CA LEU D 149 34.03 28.41 -10.08
C LEU D 149 32.54 28.65 -9.96
N PHE D 150 31.91 29.04 -11.07
CA PHE D 150 30.47 29.30 -11.09
C PHE D 150 29.67 28.01 -11.15
N ASN D 151 29.64 27.27 -10.04
CA ASN D 151 28.89 26.03 -9.96
C ASN D 151 27.56 26.24 -9.21
N PRO D 152 26.44 26.23 -9.95
CA PRO D 152 25.11 26.52 -9.39
C PRO D 152 24.61 25.41 -8.47
N ASP D 153 25.23 24.23 -8.55
CA ASP D 153 24.76 23.06 -7.82
C ASP D 153 25.41 22.96 -6.44
N SER D 154 26.05 24.03 -6.00
CA SER D 154 26.67 24.05 -4.68
C SER D 154 25.61 24.16 -3.57
N LYS D 155 25.94 23.67 -2.39
CA LYS D 155 24.99 23.68 -1.27
C LYS D 155 24.98 25.02 -0.56
N GLY D 156 23.78 25.51 -0.24
CA GLY D 156 23.64 26.71 0.56
C GLY D 156 23.55 28.00 -0.23
N LEU D 157 23.50 27.89 -1.56
CA LEU D 157 23.43 29.07 -2.42
C LEU D 157 22.11 29.80 -2.22
N SER D 158 22.21 31.08 -1.85
CA SER D 158 21.02 31.91 -1.70
C SER D 158 20.27 31.98 -3.03
N ASN D 159 21.04 32.00 -4.13
CA ASN D 159 20.48 31.94 -5.47
C ASN D 159 21.49 31.39 -6.48
N PRO D 160 21.21 30.20 -7.02
CA PRO D 160 22.03 29.52 -8.04
C PRO D 160 21.77 30.03 -9.46
N ALA D 161 20.70 30.79 -9.64
CA ALA D 161 20.32 31.28 -10.97
C ALA D 161 21.35 32.24 -11.57
N GLU D 162 21.80 33.18 -10.75
CA GLU D 162 22.81 34.15 -11.20
C GLU D 162 24.11 33.44 -11.50
N VAL D 163 24.52 32.57 -10.58
CA VAL D 163 25.71 31.73 -10.74
C VAL D 163 25.66 30.97 -12.06
N GLU D 164 24.46 30.47 -12.39
CA GLU D 164 24.23 29.73 -13.62
C GLU D 164 24.42 30.64 -14.81
N ALA D 165 23.76 31.79 -14.79
CA ALA D 165 23.87 32.78 -15.85
C ALA D 165 25.33 33.12 -16.14
N LEU D 166 26.10 33.32 -15.07
CA LEU D 166 27.52 33.63 -15.17
C LEU D 166 28.27 32.47 -15.80
N ARG D 167 27.98 31.26 -15.34
CA ARG D 167 28.61 30.07 -15.88
C ARG D 167 28.41 29.96 -17.38
N GLU D 168 27.18 30.14 -17.83
CA GLU D 168 26.90 30.03 -19.26
C GLU D 168 27.33 31.27 -20.06
N LYS D 169 27.57 32.37 -19.37
CA LYS D 169 28.18 33.54 -20.03
C LYS D 169 29.63 33.21 -20.34
N VAL D 170 30.32 32.64 -19.35
CA VAL D 170 31.69 32.18 -19.56
C VAL D 170 31.72 31.12 -20.67
N TYR D 171 30.72 30.23 -20.64
CA TYR D 171 30.56 29.21 -21.67
C TYR D 171 30.47 29.83 -23.07
N ALA D 172 29.56 30.78 -23.22
CA ALA D 172 29.33 31.46 -24.50
C ALA D 172 30.59 32.18 -24.99
N SER D 173 31.19 32.95 -24.09
CA SER D 173 32.41 33.69 -24.40
C SER D 173 33.52 32.75 -24.86
N LEU D 174 33.62 31.60 -24.20
CA LEU D 174 34.66 30.64 -24.51
C LEU D 174 34.41 29.99 -25.87
N GLU D 175 33.14 29.68 -26.16
CA GLU D 175 32.80 29.07 -27.44
C GLU D 175 33.07 30.03 -28.59
N ALA D 176 32.68 31.30 -28.41
CA ALA D 176 32.97 32.33 -29.40
C ALA D 176 34.48 32.47 -29.57
N TYR D 177 35.21 32.42 -28.46
CA TYR D 177 36.66 32.53 -28.48
C TYR D 177 37.29 31.42 -29.31
N CYS D 178 36.81 30.20 -29.11
CA CYS D 178 37.36 29.05 -29.82
C CYS D 178 36.97 29.03 -31.28
N LYS D 179 35.79 29.58 -31.58
CA LYS D 179 35.35 29.73 -32.97
C LYS D 179 36.28 30.72 -33.68
N HIS D 180 36.50 31.85 -33.04
CA HIS D 180 37.30 32.93 -33.60
C HIS D 180 38.76 32.51 -33.79
N LYS D 181 39.34 31.96 -32.72
CA LYS D 181 40.79 31.72 -32.64
C LYS D 181 41.24 30.42 -33.31
N TYR D 182 40.42 29.39 -33.24
CA TYR D 182 40.78 28.09 -33.80
C TYR D 182 39.74 27.58 -34.80
N PRO D 183 39.65 28.22 -35.98
CA PRO D 183 38.67 27.79 -36.99
C PRO D 183 39.05 26.44 -37.59
N GLU D 184 40.31 26.04 -37.42
CA GLU D 184 40.79 24.79 -37.97
C GLU D 184 40.48 23.63 -37.04
N GLN D 185 40.09 23.95 -35.81
CA GLN D 185 39.71 22.94 -34.84
C GLN D 185 38.25 23.11 -34.43
N PRO D 186 37.34 22.52 -35.22
CA PRO D 186 35.88 22.65 -35.04
C PRO D 186 35.38 22.06 -33.72
N GLY D 187 36.11 21.10 -33.16
CA GLY D 187 35.68 20.44 -31.94
C GLY D 187 36.58 20.68 -30.75
N ARG D 188 37.25 21.83 -30.74
CA ARG D 188 38.17 22.17 -29.67
C ARG D 188 37.43 22.52 -28.38
N PHE D 189 36.29 23.17 -28.53
CA PHE D 189 35.48 23.63 -27.40
C PHE D 189 34.94 22.46 -26.58
N ALA D 190 34.33 21.51 -27.27
CA ALA D 190 33.78 20.31 -26.63
C ALA D 190 34.90 19.55 -25.94
N LYS D 191 36.07 19.52 -26.58
CA LYS D 191 37.23 18.85 -26.01
C LYS D 191 37.72 19.56 -24.75
N LEU D 192 37.58 20.87 -24.72
CA LEU D 192 37.94 21.66 -23.54
C LEU D 192 36.98 21.34 -22.41
N LEU D 193 35.69 21.34 -22.71
CA LEU D 193 34.67 21.03 -21.70
C LEU D 193 34.78 19.60 -21.20
N LEU D 194 35.35 18.73 -22.02
CA LEU D 194 35.45 17.31 -21.72
C LEU D 194 36.44 17.02 -20.58
N ARG D 195 37.15 18.05 -20.14
CA ARG D 195 38.13 17.91 -19.08
C ARG D 195 37.50 17.99 -17.69
N LEU D 196 36.32 18.59 -17.62
CA LEU D 196 35.62 18.80 -16.36
C LEU D 196 35.34 17.54 -15.52
N PRO D 197 34.83 16.47 -16.14
CA PRO D 197 34.61 15.27 -15.33
C PRO D 197 35.93 14.67 -14.82
N ALA D 198 36.95 14.66 -15.67
CA ALA D 198 38.26 14.15 -15.28
C ALA D 198 38.86 14.98 -14.15
N LEU D 199 38.70 16.29 -14.23
CA LEU D 199 39.19 17.20 -13.21
C LEU D 199 38.48 16.98 -11.87
N ARG D 200 37.20 16.65 -11.93
CA ARG D 200 36.40 16.43 -10.74
C ARG D 200 36.85 15.20 -9.96
N SER D 201 37.08 14.10 -10.68
CA SER D 201 37.55 12.86 -10.06
C SER D 201 38.91 13.08 -9.43
N ILE D 202 39.77 13.83 -10.13
CA ILE D 202 41.08 14.19 -9.64
C ILE D 202 40.97 15.05 -8.38
N GLY D 203 40.02 15.98 -8.39
CA GLY D 203 39.79 16.84 -7.25
C GLY D 203 39.36 16.08 -6.02
N LEU D 204 38.38 15.19 -6.19
CA LEU D 204 37.87 14.36 -5.10
C LEU D 204 38.99 13.52 -4.53
N LYS D 205 39.76 12.92 -5.44
CA LYS D 205 40.83 12.00 -5.08
C LYS D 205 41.95 12.73 -4.34
N CYS D 206 42.12 14.01 -4.63
CA CYS D 206 43.10 14.82 -3.91
C CYS D 206 42.59 15.18 -2.51
N LEU D 207 41.29 15.38 -2.40
CA LEU D 207 40.67 15.66 -1.11
C LEU D 207 40.80 14.47 -0.17
N GLU D 208 40.58 13.27 -0.71
CA GLU D 208 40.75 12.04 0.06
C GLU D 208 42.13 11.99 0.70
N HIS D 209 43.12 12.42 -0.07
CA HIS D 209 44.49 12.46 0.42
C HIS D 209 44.67 13.50 1.52
N LEU D 210 44.43 14.77 1.18
CA LEU D 210 44.53 15.88 2.14
C LEU D 210 43.90 15.57 3.49
N PHE D 211 42.75 14.91 3.46
CA PHE D 211 42.06 14.50 4.68
C PHE D 211 42.82 13.41 5.43
N PHE D 212 43.35 12.46 4.67
CA PHE D 212 44.12 11.36 5.25
C PHE D 212 45.41 11.89 5.88
N PHE D 213 46.10 12.77 5.16
CA PHE D 213 47.36 13.33 5.64
C PHE D 213 47.13 14.22 6.86
N LYS D 214 45.98 14.86 6.89
CA LYS D 214 45.61 15.73 8.01
C LYS D 214 45.20 14.91 9.23
N LEU D 215 44.44 13.84 8.98
CA LEU D 215 43.97 12.94 10.03
C LEU D 215 45.12 12.48 10.92
N ILE D 216 46.25 12.20 10.28
CA ILE D 216 47.44 11.76 10.97
C ILE D 216 48.08 12.90 11.74
N GLY D 217 48.20 14.06 11.09
CA GLY D 217 48.86 15.20 11.71
C GLY D 217 50.35 15.15 11.47
N ASP D 218 50.77 14.21 10.63
CA ASP D 218 52.17 14.06 10.23
C ASP D 218 52.71 15.33 9.56
N THR D 219 51.90 15.92 8.68
CA THR D 219 52.32 17.07 7.90
C THR D 219 51.92 18.40 8.55
N PRO D 220 52.84 19.37 8.54
CA PRO D 220 52.53 20.72 9.03
C PRO D 220 51.61 21.42 8.04
N ILE D 221 50.31 21.14 8.15
CA ILE D 221 49.31 21.84 7.38
C ILE D 221 49.29 23.31 7.84
N ASP D 222 48.77 24.22 7.02
CA ASP D 222 48.66 25.61 7.42
C ASP D 222 47.20 26.06 7.61
N THR D 223 47.05 27.23 8.22
CA THR D 223 45.75 27.79 8.61
C THR D 223 44.66 27.82 7.54
N PHE D 224 44.92 28.46 6.41
CA PHE D 224 43.93 28.60 5.34
C PHE D 224 43.49 27.24 4.79
N LEU D 225 44.47 26.39 4.54
CA LEU D 225 44.20 25.04 4.04
C LEU D 225 43.34 24.26 5.04
N MET D 226 43.64 24.43 6.33
CA MET D 226 42.89 23.77 7.39
C MET D 226 41.46 24.29 7.42
N GLU D 227 41.29 25.57 7.14
CA GLU D 227 39.98 26.19 7.11
C GLU D 227 39.18 25.63 5.94
N MET D 228 39.86 25.41 4.82
CA MET D 228 39.20 24.84 3.65
C MET D 228 38.85 23.38 3.88
N LEU D 229 39.64 22.68 4.69
CA LEU D 229 39.45 21.26 4.94
C LEU D 229 38.46 20.97 6.06
N GLU D 230 37.95 22.02 6.70
CA GLU D 230 37.06 21.83 7.84
C GLU D 230 35.63 22.24 7.53
N ALA D 231 34.68 21.43 7.98
CA ALA D 231 33.26 21.72 7.78
C ALA D 231 32.40 21.04 8.84
N ARG D 250 31.65 29.91 12.00
CA ARG D 250 32.39 30.53 10.90
C ARG D 250 33.71 29.81 10.66
N HIS D 251 34.69 30.55 10.13
CA HIS D 251 35.93 29.98 9.64
C HIS D 251 37.05 31.02 9.73
N LYS D 252 36.65 32.29 9.61
CA LYS D 252 37.48 33.50 9.73
C LYS D 252 38.13 33.98 8.42
N ILE D 253 39.27 33.38 8.05
CA ILE D 253 40.13 33.90 6.98
C ILE D 253 39.46 34.24 5.63
N LEU D 254 38.81 33.25 5.02
CA LEU D 254 38.19 33.46 3.72
C LEU D 254 37.17 34.60 3.77
N HIS D 255 36.41 34.66 4.86
CA HIS D 255 35.41 35.70 5.04
C HIS D 255 36.05 37.07 5.10
N ARG D 256 37.29 37.12 5.58
CA ARG D 256 38.05 38.36 5.63
C ARG D 256 38.48 38.80 4.22
N LEU D 257 39.30 37.96 3.58
CA LEU D 257 39.90 38.26 2.28
C LEU D 257 38.93 38.67 1.18
N LEU D 258 37.63 38.65 1.47
CA LEU D 258 36.61 39.05 0.51
C LEU D 258 36.04 40.44 0.81
N GLN D 259 36.27 40.93 2.02
CA GLN D 259 35.75 42.24 2.43
C GLN D 259 36.43 43.39 1.70
N GLU D 260 37.65 43.15 1.24
CA GLU D 260 38.47 44.18 0.62
C GLU D 260 37.94 44.60 -0.74
MG MG E . -45.50 -40.37 2.13
MG MG F . 60.43 5.13 -0.81
#